data_5DU3
#
_entry.id   5DU3
#
_cell.length_a   57.410
_cell.length_b   75.380
_cell.length_c   203.960
_cell.angle_alpha   90.00
_cell.angle_beta   90.00
_cell.angle_gamma   90.00
#
_symmetry.space_group_name_H-M   'P 21 21 21'
#
loop_
_entity.id
_entity.type
_entity.pdbx_description
1 polymer 'Plasma protease C1 inhibitor'
2 water water
#
_entity_poly.entity_id   1
_entity_poly.type   'polypeptide(L)'
_entity_poly.pdbx_seq_one_letter_code
;TGSFCPGPVTLCSDLESHSTEAVLGDALVDFSLKLYHAFSAMKKVETNMAFSPFSIASLLTQVLLGAGENTKTNLESILS
YPKDFTCVHQALKGFTTKGVTSVSQIFHSPDLAIRDTFVNASRTLYSSSPRVLSNNSDANLELINTWVAKNTNNKISRLL
DSLPSDTRLVLLNAIYLSAKWKTTFDPKKTRMEPFHFKNSVIKVPMMNSKKYPVAHFIDQTLKAKVGQLQLSHNLSLVIL
VPQNLKHRLEDMEQALSPSVFKAIMEKLEMSKFQPTLLTLPRIKVTTSQDMLSIMEKLEFFDFSYDLNLCGLTEDPDLQV
SAMQHQTVLELTETGVEAAAASAISVARTLLVFEVQQPFLFVLWDQQHKFPVFMGRVYDPRA
;
_entity_poly.pdbx_strand_id   A,B
#
# COMPACT_ATOMS: atom_id res chain seq x y z
N PHE A 4 -12.36 1.75 -23.21
CA PHE A 4 -13.82 1.33 -22.96
C PHE A 4 -14.11 1.40 -21.48
N CYS A 5 -15.31 1.89 -21.14
CA CYS A 5 -15.80 2.03 -19.75
C CYS A 5 -17.35 1.96 -19.71
N PRO A 6 -17.94 1.22 -18.75
CA PRO A 6 -19.43 1.25 -18.69
C PRO A 6 -19.92 2.68 -18.60
N GLY A 7 -20.87 3.05 -19.48
CA GLY A 7 -21.58 4.36 -19.41
C GLY A 7 -22.27 4.55 -18.06
N PRO A 8 -22.72 5.77 -17.78
CA PRO A 8 -23.26 6.00 -16.42
C PRO A 8 -24.50 5.18 -16.11
N VAL A 9 -24.63 4.72 -14.89
CA VAL A 9 -25.75 3.87 -14.56
C VAL A 9 -27.05 4.68 -14.65
N THR A 10 -28.13 4.05 -15.07
CA THR A 10 -29.42 4.72 -15.15
C THR A 10 -30.14 4.68 -13.77
N LEU A 11 -30.84 5.76 -13.44
CA LEU A 11 -31.64 5.82 -12.21
C LEU A 11 -32.79 4.86 -12.33
N CYS A 12 -33.14 4.23 -11.23
CA CYS A 12 -34.26 3.29 -11.14
C CYS A 12 -35.50 4.06 -10.71
N SER A 13 -36.70 3.59 -11.05
CA SER A 13 -37.87 4.20 -10.41
C SER A 13 -37.84 3.88 -8.91
N ASP A 14 -38.63 4.67 -8.17
CA ASP A 14 -38.88 4.43 -6.74
C ASP A 14 -39.33 3.00 -6.49
N LEU A 15 -40.18 2.46 -7.35
CA LEU A 15 -40.77 1.14 -7.16
C LEU A 15 -39.74 0.03 -7.29
N GLU A 16 -38.96 0.13 -8.37
CA GLU A 16 -37.91 -0.83 -8.66
C GLU A 16 -36.91 -0.79 -7.51
N SER A 17 -36.57 0.40 -7.05
CA SER A 17 -35.64 0.56 -5.92
C SER A 17 -36.13 -0.07 -4.60
N HIS A 18 -37.42 0.09 -4.26
CA HIS A 18 -37.96 -0.58 -3.05
C HIS A 18 -37.86 -2.12 -3.10
N SER A 19 -38.05 -2.73 -4.27
CA SER A 19 -37.84 -4.21 -4.51
C SER A 19 -36.50 -4.77 -4.24
N THR A 20 -35.52 -3.94 -4.33
CA THR A 20 -34.21 -4.36 -4.08
C THR A 20 -33.77 -4.22 -2.63
N GLU A 21 -34.59 -3.66 -1.76
CA GLU A 21 -34.24 -3.66 -0.33
C GLU A 21 -33.93 -5.04 0.16
N ALA A 22 -34.66 -6.07 -0.26
CA ALA A 22 -34.46 -7.38 0.41
C ALA A 22 -33.14 -8.01 -0.04
N VAL A 23 -32.82 -7.81 -1.31
CA VAL A 23 -31.57 -8.28 -1.83
C VAL A 23 -30.45 -7.65 -1.03
N LEU A 24 -30.60 -6.36 -0.79
CA LEU A 24 -29.52 -5.59 -0.20
C LEU A 24 -29.31 -5.96 1.19
N GLY A 25 -30.44 -6.18 1.89
CA GLY A 25 -30.40 -6.68 3.24
C GLY A 25 -29.62 -7.97 3.36
N ASP A 26 -29.88 -8.92 2.45
CA ASP A 26 -29.16 -10.22 2.35
C ASP A 26 -27.68 -10.08 2.09
N ALA A 27 -27.33 -9.15 1.25
CA ALA A 27 -25.95 -8.95 0.90
C ALA A 27 -25.25 -8.38 2.14
N LEU A 28 -25.87 -7.38 2.73
CA LEU A 28 -25.19 -6.68 3.82
C LEU A 28 -24.92 -7.66 5.00
N VAL A 29 -25.80 -8.62 5.18
CA VAL A 29 -25.58 -9.66 6.20
C VAL A 29 -24.40 -10.48 5.81
N ASP A 30 -24.35 -10.94 4.55
CA ASP A 30 -23.19 -11.71 4.07
C ASP A 30 -21.91 -10.97 4.23
N PHE A 31 -21.91 -9.71 3.76
CA PHE A 31 -20.77 -8.88 3.80
C PHE A 31 -20.30 -8.61 5.26
N SER A 32 -21.22 -8.36 6.15
CA SER A 32 -20.91 -8.14 7.57
C SER A 32 -20.05 -9.21 8.20
N LEU A 33 -20.42 -10.46 7.93
CA LEU A 33 -19.65 -11.61 8.37
C LEU A 33 -18.27 -11.71 7.74
N LYS A 34 -18.17 -11.46 6.42
CA LYS A 34 -16.84 -11.42 5.79
C LYS A 34 -15.96 -10.35 6.43
N LEU A 35 -16.52 -9.19 6.72
CA LEU A 35 -15.75 -8.16 7.37
C LEU A 35 -15.37 -8.62 8.81
N TYR A 36 -16.31 -9.19 9.49
CA TYR A 36 -16.10 -9.59 10.93
C TYR A 36 -14.88 -10.47 11.04
N HIS A 37 -14.83 -11.49 10.22
CA HIS A 37 -13.62 -12.38 10.18
C HIS A 37 -12.35 -11.74 9.67
N ALA A 38 -12.46 -10.82 8.76
CA ALA A 38 -11.25 -10.15 8.29
C ALA A 38 -10.79 -9.19 9.37
N PHE A 39 -11.73 -8.46 10.01
CA PHE A 39 -11.34 -7.56 11.10
C PHE A 39 -10.67 -8.39 12.19
N SER A 40 -11.26 -9.54 12.53
CA SER A 40 -10.75 -10.36 13.60
C SER A 40 -9.34 -10.90 13.20
N ALA A 41 -9.19 -11.34 12.00
CA ALA A 41 -7.85 -11.74 11.51
C ALA A 41 -6.78 -10.62 11.60
N MET A 42 -7.12 -9.39 11.44
CA MET A 42 -6.12 -8.29 11.55
C MET A 42 -5.77 -7.92 12.96
N LYS A 43 -6.65 -8.20 13.91
CA LYS A 43 -6.43 -7.73 15.24
C LYS A 43 -5.84 -8.80 16.11
N LYS A 44 -5.21 -8.34 17.17
CA LYS A 44 -4.81 -9.25 18.24
C LYS A 44 -6.02 -10.03 18.81
N VAL A 45 -5.69 -11.15 19.40
CA VAL A 45 -6.58 -12.23 19.76
C VAL A 45 -7.72 -11.90 20.76
N GLU A 46 -7.62 -10.91 21.62
CA GLU A 46 -8.70 -10.82 22.65
C GLU A 46 -8.99 -9.39 22.81
N THR A 47 -9.37 -8.77 21.67
CA THR A 47 -9.51 -7.32 21.64
C THR A 47 -10.98 -6.96 21.39
N ASN A 48 -11.32 -5.77 21.81
CA ASN A 48 -12.62 -5.22 21.44
C ASN A 48 -12.60 -4.72 20.00
N MET A 49 -13.73 -4.80 19.33
CA MET A 49 -13.80 -4.11 18.00
C MET A 49 -15.22 -3.79 17.66
N ALA A 50 -15.37 -2.76 16.80
CA ALA A 50 -16.60 -2.32 16.26
C ALA A 50 -16.41 -1.73 14.87
N PHE A 51 -17.25 -2.10 13.93
CA PHE A 51 -17.20 -1.54 12.59
C PHE A 51 -18.63 -1.47 12.01
N SER A 52 -18.82 -0.72 10.92
CA SER A 52 -20.07 -0.58 10.30
C SER A 52 -20.02 -1.26 8.95
N PRO A 53 -20.66 -2.43 8.81
CA PRO A 53 -20.80 -2.96 7.47
C PRO A 53 -21.57 -2.07 6.51
N PHE A 54 -22.62 -1.40 6.98
CA PHE A 54 -23.35 -0.52 6.19
C PHE A 54 -22.53 0.62 5.64
N SER A 55 -21.84 1.38 6.46
CA SER A 55 -21.19 2.56 5.99
C SER A 55 -19.93 2.15 5.10
N ILE A 56 -19.25 1.10 5.47
CA ILE A 56 -18.21 0.50 4.58
C ILE A 56 -18.75 0.04 3.27
N ALA A 57 -19.83 -0.71 3.29
CA ALA A 57 -20.49 -1.06 2.07
C ALA A 57 -20.88 0.19 1.17
N SER A 58 -21.35 1.24 1.82
CA SER A 58 -21.76 2.43 1.11
C SER A 58 -20.54 3.07 0.43
N LEU A 59 -19.43 3.12 1.14
CA LEU A 59 -18.26 3.68 0.57
C LEU A 59 -17.81 2.88 -0.68
N LEU A 60 -17.76 1.56 -0.58
CA LEU A 60 -17.33 0.65 -1.58
C LEU A 60 -18.30 0.66 -2.77
N THR A 61 -19.59 0.85 -2.52
CA THR A 61 -20.55 0.92 -3.51
C THR A 61 -20.43 2.24 -4.33
N GLN A 62 -20.04 3.31 -3.67
CA GLN A 62 -19.77 4.55 -4.32
C GLN A 62 -18.56 4.42 -5.22
N VAL A 63 -17.58 3.63 -4.81
CA VAL A 63 -16.46 3.29 -5.66
C VAL A 63 -16.94 2.40 -6.81
N LEU A 64 -17.79 1.41 -6.53
CA LEU A 64 -18.34 0.53 -7.52
C LEU A 64 -19.03 1.34 -8.65
N LEU A 65 -19.68 2.43 -8.30
CA LEU A 65 -20.34 3.32 -9.22
C LEU A 65 -19.34 3.72 -10.35
N GLY A 66 -18.04 3.90 -10.04
CA GLY A 66 -17.00 4.30 -10.97
C GLY A 66 -16.08 3.26 -11.51
N ALA A 67 -16.41 1.97 -11.28
CA ALA A 67 -15.48 0.87 -11.56
C ALA A 67 -15.74 0.25 -12.94
N GLY A 68 -14.70 -0.27 -13.56
CA GLY A 68 -14.89 -1.20 -14.66
C GLY A 68 -14.18 -2.51 -14.38
N GLU A 69 -14.34 -3.40 -15.38
CA GLU A 69 -13.59 -4.61 -15.64
C GLU A 69 -13.58 -5.48 -14.50
N ASN A 70 -12.33 -5.91 -14.19
CA ASN A 70 -12.32 -6.78 -13.10
C ASN A 70 -12.66 -6.06 -11.84
N THR A 71 -12.36 -4.78 -11.66
CA THR A 71 -12.60 -4.18 -10.39
C THR A 71 -14.11 -4.20 -10.04
N LYS A 72 -14.95 -4.03 -11.05
CA LYS A 72 -16.37 -4.01 -10.92
C LYS A 72 -16.88 -5.37 -10.43
N THR A 73 -16.49 -6.41 -11.14
CA THR A 73 -16.78 -7.75 -10.73
C THR A 73 -16.23 -8.09 -9.38
N ASN A 74 -14.99 -7.70 -9.10
CA ASN A 74 -14.39 -8.02 -7.83
C ASN A 74 -15.15 -7.32 -6.64
N LEU A 75 -15.58 -6.06 -6.86
CA LEU A 75 -16.34 -5.37 -5.87
C LEU A 75 -17.67 -5.94 -5.62
N GLU A 76 -18.35 -6.23 -6.71
CA GLU A 76 -19.62 -6.93 -6.60
C GLU A 76 -19.54 -8.26 -5.78
N SER A 77 -18.48 -9.04 -5.97
CA SER A 77 -18.32 -10.27 -5.23
C SER A 77 -18.09 -10.07 -3.81
N ILE A 78 -17.21 -9.15 -3.50
CA ILE A 78 -16.93 -8.82 -2.11
C ILE A 78 -18.25 -8.41 -1.37
N LEU A 79 -19.01 -7.56 -2.03
CA LEU A 79 -20.24 -6.97 -1.50
C LEU A 79 -21.39 -7.92 -1.57
N SER A 80 -21.23 -9.03 -2.26
CA SER A 80 -22.29 -10.08 -2.47
C SER A 80 -23.42 -9.58 -3.23
N TYR A 81 -23.17 -8.68 -4.17
CA TYR A 81 -24.26 -8.21 -4.99
C TYR A 81 -24.36 -9.07 -6.22
N PRO A 82 -25.56 -9.31 -6.72
CA PRO A 82 -25.68 -10.07 -7.92
C PRO A 82 -25.29 -9.14 -9.10
N LYS A 83 -25.22 -9.70 -10.31
CA LYS A 83 -24.95 -8.84 -11.48
C LYS A 83 -26.14 -7.99 -11.74
N ASP A 84 -25.88 -6.84 -12.36
CA ASP A 84 -26.88 -5.89 -12.77
C ASP A 84 -27.78 -5.37 -11.68
N PHE A 85 -27.20 -5.12 -10.51
CA PHE A 85 -27.87 -4.60 -9.34
C PHE A 85 -27.78 -3.08 -9.41
N THR A 86 -28.39 -2.50 -10.40
CA THR A 86 -28.18 -1.09 -10.73
C THR A 86 -28.88 -0.14 -9.76
N CYS A 87 -29.95 -0.61 -9.16
CA CYS A 87 -30.62 0.21 -8.16
C CYS A 87 -29.95 0.27 -6.78
N VAL A 88 -28.86 -0.40 -6.58
CA VAL A 88 -28.28 -0.43 -5.28
C VAL A 88 -27.88 0.93 -4.72
N HIS A 89 -27.44 1.83 -5.58
CA HIS A 89 -26.97 3.13 -5.09
C HIS A 89 -28.10 3.91 -4.46
N GLN A 90 -29.29 3.88 -5.07
CA GLN A 90 -30.55 4.44 -4.44
C GLN A 90 -31.10 3.70 -3.25
N ALA A 91 -31.19 2.41 -3.33
CA ALA A 91 -31.61 1.66 -2.14
C ALA A 91 -30.72 1.99 -0.90
N LEU A 92 -29.37 2.06 -1.08
CA LEU A 92 -28.42 2.44 0.02
C LEU A 92 -28.70 3.78 0.67
N LYS A 93 -28.92 4.69 -0.21
CA LYS A 93 -29.38 5.99 0.28
C LYS A 93 -30.72 5.90 1.11
N GLY A 94 -31.63 5.00 0.69
CA GLY A 94 -32.93 4.88 1.40
C GLY A 94 -32.84 4.24 2.78
N PHE A 95 -31.87 3.38 2.92
CA PHE A 95 -31.51 2.73 4.18
C PHE A 95 -30.78 3.57 5.19
N THR A 96 -30.40 4.77 4.87
CA THR A 96 -29.70 5.60 5.81
C THR A 96 -30.50 5.63 7.14
N THR A 97 -29.92 5.42 8.31
CA THR A 97 -30.64 5.58 9.60
C THR A 97 -30.20 6.86 10.24
N LYS A 98 -31.17 7.57 10.83
CA LYS A 98 -30.87 8.78 11.57
C LYS A 98 -30.28 8.47 12.96
N GLY A 99 -30.23 7.19 13.39
CA GLY A 99 -29.50 6.84 14.59
C GLY A 99 -28.00 6.79 14.50
N VAL A 100 -27.43 7.14 13.35
CA VAL A 100 -26.03 7.35 13.22
C VAL A 100 -25.74 8.68 12.47
N THR A 101 -24.53 9.21 12.61
CA THR A 101 -24.05 10.22 11.70
C THR A 101 -22.84 9.54 11.02
N SER A 102 -22.97 9.36 9.73
CA SER A 102 -21.95 8.69 8.91
C SER A 102 -21.44 9.68 7.88
N VAL A 103 -20.12 9.76 7.73
CA VAL A 103 -19.57 10.58 6.66
C VAL A 103 -18.57 9.76 5.88
N SER A 104 -18.84 9.69 4.56
CA SER A 104 -17.99 9.06 3.58
C SER A 104 -17.51 10.13 2.56
N GLN A 105 -16.26 9.98 2.07
CA GLN A 105 -15.73 10.92 1.11
C GLN A 105 -14.52 10.36 0.32
N ILE A 106 -14.46 10.74 -0.93
CA ILE A 106 -13.39 10.51 -1.78
C ILE A 106 -12.61 11.76 -1.98
N PHE A 107 -11.35 11.76 -1.59
CA PHE A 107 -10.45 12.90 -1.80
C PHE A 107 -9.48 12.50 -2.87
N HIS A 108 -9.07 13.48 -3.69
CA HIS A 108 -8.14 13.22 -4.81
C HIS A 108 -7.12 14.34 -4.97
N SER A 109 -5.97 14.01 -5.54
CA SER A 109 -4.99 15.06 -5.84
C SER A 109 -5.48 15.94 -6.94
N PRO A 110 -4.94 17.17 -7.03
CA PRO A 110 -5.26 18.07 -8.11
C PRO A 110 -4.84 17.51 -9.43
N ASP A 111 -3.82 16.66 -9.50
CA ASP A 111 -3.41 16.08 -10.77
C ASP A 111 -4.20 14.89 -11.22
N LEU A 112 -5.30 14.60 -10.51
CA LEU A 112 -6.20 13.55 -10.88
C LEU A 112 -7.52 14.18 -11.27
N ALA A 113 -7.90 13.99 -12.51
CA ALA A 113 -9.05 14.66 -13.08
C ALA A 113 -10.26 13.73 -12.83
N ILE A 114 -11.27 14.17 -12.12
CA ILE A 114 -12.50 13.37 -11.93
C ILE A 114 -13.44 13.60 -13.08
N ARG A 115 -13.99 12.54 -13.67
CA ARG A 115 -14.92 12.72 -14.73
C ARG A 115 -16.20 13.42 -14.31
N ASP A 116 -16.65 14.29 -15.23
CA ASP A 116 -17.88 14.98 -15.15
C ASP A 116 -19.09 14.09 -14.80
N THR A 117 -19.22 12.96 -15.48
CA THR A 117 -20.38 12.02 -15.25
C THR A 117 -20.37 11.37 -13.84
N PHE A 118 -19.19 11.32 -13.25
CA PHE A 118 -19.03 10.82 -11.86
C PHE A 118 -19.34 11.89 -10.88
N VAL A 119 -19.02 13.14 -11.21
CA VAL A 119 -19.29 14.19 -10.27
C VAL A 119 -20.79 14.28 -9.86
N ASN A 120 -21.70 14.24 -10.82
CA ASN A 120 -23.11 14.50 -10.47
C ASN A 120 -23.78 13.25 -9.84
N ALA A 121 -23.46 12.09 -10.44
CA ALA A 121 -23.87 10.77 -9.92
C ALA A 121 -23.47 10.64 -8.46
N SER A 122 -22.27 11.00 -8.16
CA SER A 122 -21.74 10.90 -6.85
C SER A 122 -22.51 11.75 -5.79
N ARG A 123 -22.61 13.03 -6.09
CA ARG A 123 -23.31 13.96 -5.23
C ARG A 123 -24.84 13.56 -4.92
N THR A 124 -25.54 13.25 -6.04
CA THR A 124 -26.93 12.84 -6.12
C THR A 124 -27.17 11.62 -5.17
N LEU A 125 -26.32 10.60 -5.34
CA LEU A 125 -26.58 9.30 -4.88
C LEU A 125 -25.88 9.16 -3.57
N TYR A 126 -24.71 9.79 -3.41
CA TYR A 126 -23.97 9.59 -2.18
C TYR A 126 -23.80 10.80 -1.29
N SER A 127 -24.48 11.89 -1.69
CA SER A 127 -24.39 13.18 -0.96
C SER A 127 -22.96 13.88 -0.88
N SER A 128 -21.98 13.49 -1.73
CA SER A 128 -20.79 14.32 -1.95
C SER A 128 -20.11 13.89 -3.24
N SER A 129 -19.66 14.86 -4.01
CA SER A 129 -18.79 14.60 -5.10
C SER A 129 -17.40 14.55 -4.52
N PRO A 130 -16.44 13.97 -5.25
CA PRO A 130 -15.11 13.91 -4.72
C PRO A 130 -14.56 15.31 -4.45
N ARG A 131 -13.72 15.43 -3.42
CA ARG A 131 -13.10 16.67 -3.04
C ARG A 131 -11.60 16.67 -3.39
N VAL A 132 -11.16 17.78 -3.85
CA VAL A 132 -9.80 17.90 -4.31
C VAL A 132 -8.99 18.24 -3.08
N LEU A 133 -7.78 17.72 -3.07
CA LEU A 133 -6.80 18.03 -2.07
C LEU A 133 -5.95 19.25 -2.46
N SER A 134 -5.20 19.76 -1.49
CA SER A 134 -4.21 20.86 -1.69
C SER A 134 -2.91 20.35 -2.29
N ASN A 135 -2.03 21.28 -2.62
CA ASN A 135 -0.75 20.89 -3.18
C ASN A 135 0.35 20.54 -2.18
N ASN A 136 0.13 20.64 -0.86
CA ASN A 136 1.08 20.06 0.09
C ASN A 136 0.38 19.24 1.14
N SER A 137 1.06 18.20 1.60
CA SER A 137 0.42 17.11 2.35
C SER A 137 0.20 17.37 3.84
N ASP A 138 0.92 18.33 4.41
CA ASP A 138 0.64 18.72 5.79
C ASP A 138 -0.75 19.39 5.81
N ALA A 139 -0.91 20.30 4.83
CA ALA A 139 -2.18 20.99 4.63
C ALA A 139 -3.33 19.99 4.48
N ASN A 140 -3.08 18.89 3.78
CA ASN A 140 -4.12 17.91 3.45
C ASN A 140 -4.60 17.04 4.58
N LEU A 141 -3.68 16.71 5.45
CA LEU A 141 -3.99 15.95 6.62
C LEU A 141 -4.97 16.75 7.49
N GLU A 142 -4.63 18.00 7.71
CA GLU A 142 -5.46 18.84 8.53
C GLU A 142 -6.78 19.15 7.77
N LEU A 143 -6.72 19.29 6.45
CA LEU A 143 -7.95 19.47 5.66
C LEU A 143 -8.92 18.27 5.87
N ILE A 144 -8.39 17.07 5.72
CA ILE A 144 -9.22 15.88 5.93
C ILE A 144 -9.73 15.78 7.39
N ASN A 145 -8.87 15.90 8.38
CA ASN A 145 -9.29 15.67 9.77
C ASN A 145 -10.28 16.74 10.25
N THR A 146 -10.08 17.98 9.79
CA THR A 146 -11.00 19.07 10.10
C THR A 146 -12.34 18.81 9.41
N TRP A 147 -12.29 18.41 8.17
CA TRP A 147 -13.53 18.09 7.47
C TRP A 147 -14.32 17.02 8.19
N VAL A 148 -13.64 15.94 8.56
CA VAL A 148 -14.29 14.82 9.29
C VAL A 148 -14.88 15.29 10.65
N ALA A 149 -14.10 16.01 11.45
CA ALA A 149 -14.61 16.61 12.70
C ALA A 149 -15.85 17.44 12.44
N LYS A 150 -15.73 18.35 11.50
CA LYS A 150 -16.86 19.17 11.15
C LYS A 150 -18.08 18.30 10.90
N ASN A 151 -17.93 17.29 10.11
CA ASN A 151 -19.09 16.55 9.71
C ASN A 151 -19.51 15.42 10.65
N THR A 152 -18.80 15.22 11.75
CA THR A 152 -19.19 14.22 12.73
C THR A 152 -19.57 14.80 14.09
N ASN A 153 -19.96 16.08 14.11
CA ASN A 153 -20.11 16.87 15.33
C ASN A 153 -19.02 16.59 16.37
N ASN A 154 -17.78 16.63 15.88
CA ASN A 154 -16.54 16.38 16.61
C ASN A 154 -16.35 15.05 17.29
N LYS A 155 -17.16 14.05 16.95
CA LYS A 155 -16.92 12.70 17.55
C LYS A 155 -15.66 12.04 16.96
N ILE A 156 -15.38 12.29 15.67
CA ILE A 156 -14.19 11.71 15.04
C ILE A 156 -13.34 12.92 14.57
N SER A 157 -12.29 13.23 15.30
CA SER A 157 -11.51 14.45 15.08
C SER A 157 -10.13 14.17 14.57
N ARG A 158 -9.71 12.90 14.58
CA ARG A 158 -8.47 12.48 13.94
C ARG A 158 -8.69 11.18 13.19
N LEU A 159 -9.39 11.23 12.09
CA LEU A 159 -9.48 10.03 11.27
C LEU A 159 -8.10 9.51 10.74
N LEU A 160 -7.18 10.41 10.39
CA LEU A 160 -5.85 10.02 9.82
C LEU A 160 -4.67 10.52 10.64
N ASP A 161 -3.72 9.65 10.89
CA ASP A 161 -2.45 10.03 11.55
C ASP A 161 -1.47 10.52 10.53
N SER A 162 -1.44 9.90 9.37
CA SER A 162 -0.56 10.34 8.30
C SER A 162 -1.23 10.04 6.97
N LEU A 163 -0.60 10.52 5.90
CA LEU A 163 -0.89 10.22 4.52
C LEU A 163 0.41 9.96 3.75
N PRO A 164 0.44 9.03 2.82
CA PRO A 164 1.60 8.98 1.87
C PRO A 164 1.86 10.31 1.14
N SER A 165 3.11 10.56 0.75
CA SER A 165 3.54 11.86 0.26
C SER A 165 3.08 12.10 -1.20
N ASP A 166 2.97 10.99 -1.92
CA ASP A 166 2.47 10.96 -3.30
C ASP A 166 0.94 10.62 -3.32
N THR A 167 0.16 11.00 -2.29
CA THR A 167 -1.25 10.67 -2.23
C THR A 167 -2.01 11.15 -3.40
N ARG A 168 -2.66 10.23 -4.09
CA ARG A 168 -3.56 10.67 -5.19
C ARG A 168 -5.09 10.41 -4.93
N LEU A 169 -5.42 9.34 -4.26
CA LEU A 169 -6.79 8.99 -4.05
C LEU A 169 -6.94 8.40 -2.66
N VAL A 170 -7.84 9.00 -1.88
CA VAL A 170 -8.14 8.63 -0.53
C VAL A 170 -9.62 8.37 -0.38
N LEU A 171 -9.91 7.22 0.21
CA LEU A 171 -11.28 6.84 0.51
C LEU A 171 -11.51 6.78 2.01
N LEU A 172 -12.53 7.49 2.54
CA LEU A 172 -12.74 7.69 3.92
C LEU A 172 -14.18 7.42 4.30
N ASN A 173 -14.34 6.74 5.45
CA ASN A 173 -15.61 6.67 6.16
C ASN A 173 -15.39 6.74 7.67
N ALA A 174 -16.14 7.63 8.26
CA ALA A 174 -16.23 7.78 9.72
C ALA A 174 -17.67 7.75 10.11
N ILE A 175 -17.94 7.04 11.22
CA ILE A 175 -19.31 6.88 11.67
C ILE A 175 -19.43 6.78 13.19
N TYR A 176 -20.46 7.40 13.78
CA TYR A 176 -20.80 7.15 15.19
C TYR A 176 -22.28 6.93 15.44
N LEU A 177 -22.52 6.17 16.48
CA LEU A 177 -23.87 5.92 16.96
C LEU A 177 -24.40 7.11 17.81
N SER A 178 -25.50 7.72 17.38
CA SER A 178 -26.21 8.71 18.14
C SER A 178 -27.50 8.17 18.74
N ALA A 179 -28.05 7.07 18.25
CA ALA A 179 -29.19 6.47 18.86
C ALA A 179 -28.80 5.99 20.26
N LYS A 180 -29.81 5.86 21.11
CA LYS A 180 -29.62 5.30 22.46
C LYS A 180 -30.76 4.38 22.91
N TRP A 181 -30.63 3.80 24.08
CA TRP A 181 -31.64 2.86 24.60
C TRP A 181 -33.01 3.46 24.62
N LYS A 182 -34.00 2.70 24.21
CA LYS A 182 -35.34 3.21 24.28
C LYS A 182 -35.71 3.38 25.81
N THR A 183 -35.36 2.38 26.62
CA THR A 183 -35.60 2.40 28.10
C THR A 183 -34.33 2.72 28.80
N THR A 184 -34.35 3.84 29.51
CA THR A 184 -33.24 4.29 30.33
C THR A 184 -32.89 3.38 31.43
N PHE A 185 -31.59 3.27 31.69
CA PHE A 185 -31.12 2.53 32.85
C PHE A 185 -30.96 3.53 34.00
N ASP A 186 -31.31 3.10 35.21
CA ASP A 186 -31.15 3.95 36.39
C ASP A 186 -29.67 3.96 36.79
N PRO A 187 -29.00 5.09 36.71
CA PRO A 187 -27.59 5.12 37.06
C PRO A 187 -27.24 4.84 38.50
N LYS A 188 -28.20 5.04 39.40
CA LYS A 188 -28.06 4.64 40.79
C LYS A 188 -28.00 3.15 41.03
N LYS A 189 -28.49 2.36 40.09
CA LYS A 189 -28.37 0.90 40.16
C LYS A 189 -27.09 0.29 39.57
N THR A 190 -26.29 1.06 38.84
CA THR A 190 -25.09 0.51 38.19
C THR A 190 -24.19 0.06 39.29
N ARG A 191 -23.68 -1.17 39.19
CA ARG A 191 -22.94 -1.79 40.21
C ARG A 191 -21.69 -2.52 39.66
N MET A 192 -20.63 -2.58 40.45
CA MET A 192 -19.47 -3.45 40.17
C MET A 192 -19.97 -4.91 40.25
N GLU A 193 -19.90 -5.66 39.16
CA GLU A 193 -20.11 -7.07 39.12
C GLU A 193 -18.96 -7.87 38.44
N PRO A 194 -18.95 -9.21 38.59
CA PRO A 194 -17.91 -9.99 37.94
C PRO A 194 -18.09 -10.01 36.43
N PHE A 195 -16.96 -10.06 35.74
CA PHE A 195 -16.92 -10.29 34.35
C PHE A 195 -15.75 -11.28 34.11
N HIS A 196 -16.02 -12.37 33.36
CA HIS A 196 -15.05 -13.47 33.17
C HIS A 196 -14.18 -13.29 31.99
N PHE A 197 -12.94 -12.92 32.21
CA PHE A 197 -12.02 -12.45 31.15
C PHE A 197 -10.72 -13.14 31.32
N LYS A 198 -10.19 -13.81 30.29
CA LYS A 198 -9.03 -14.74 30.40
C LYS A 198 -9.44 -15.92 31.29
N ASN A 199 -8.56 -16.44 32.13
CA ASN A 199 -9.06 -17.38 33.12
C ASN A 199 -9.56 -16.69 34.37
N SER A 200 -9.41 -15.37 34.46
CA SER A 200 -9.72 -14.63 35.70
C SER A 200 -11.12 -13.98 35.69
N VAL A 201 -11.51 -13.54 36.87
CA VAL A 201 -12.70 -12.72 37.11
C VAL A 201 -12.24 -11.30 37.36
N ILE A 202 -12.87 -10.32 36.73
CA ILE A 202 -12.60 -8.90 37.03
C ILE A 202 -13.95 -8.30 37.37
N LYS A 203 -13.92 -7.13 38.01
CA LYS A 203 -15.14 -6.45 38.31
C LYS A 203 -15.25 -5.24 37.42
N VAL A 204 -16.39 -5.06 36.78
CA VAL A 204 -16.65 -3.86 36.00
C VAL A 204 -18.03 -3.30 36.38
N PRO A 205 -18.25 -2.02 36.13
CA PRO A 205 -19.57 -1.47 36.30
C PRO A 205 -20.58 -2.08 35.35
N MET A 206 -21.70 -2.52 35.88
CA MET A 206 -22.72 -3.11 35.09
C MET A 206 -24.00 -2.38 35.26
N MET A 207 -24.61 -2.01 34.13
CA MET A 207 -25.98 -1.47 34.14
C MET A 207 -26.93 -2.60 34.48
N ASN A 208 -28.03 -2.25 35.17
CA ASN A 208 -28.88 -3.20 35.85
C ASN A 208 -30.31 -2.74 35.69
N SER A 209 -31.19 -3.71 35.52
CA SER A 209 -32.62 -3.55 35.77
C SER A 209 -33.24 -4.90 36.08
N LYS A 210 -34.32 -4.91 36.83
CA LYS A 210 -35.03 -6.13 37.17
C LYS A 210 -36.10 -6.45 36.17
N LYS A 211 -36.44 -5.49 35.31
CA LYS A 211 -37.52 -5.71 34.39
C LYS A 211 -37.32 -4.98 33.04
N TYR A 212 -36.12 -5.15 32.51
CA TYR A 212 -35.78 -4.50 31.26
C TYR A 212 -36.37 -5.28 30.06
N PRO A 213 -37.06 -4.59 29.16
CA PRO A 213 -37.60 -5.31 28.02
C PRO A 213 -36.48 -5.87 27.12
N VAL A 214 -36.39 -7.18 27.09
CA VAL A 214 -35.42 -7.88 26.40
C VAL A 214 -36.17 -9.02 25.68
N ALA A 215 -35.82 -9.21 24.40
CA ALA A 215 -36.26 -10.37 23.63
C ALA A 215 -35.07 -11.29 23.58
N HIS A 216 -35.22 -12.51 24.00
CA HIS A 216 -34.10 -13.36 24.08
C HIS A 216 -34.49 -14.79 24.06
N PHE A 217 -33.56 -15.60 23.55
CA PHE A 217 -33.66 -17.04 23.48
C PHE A 217 -32.24 -17.58 23.45
N ILE A 218 -32.14 -18.91 23.32
CA ILE A 218 -30.90 -19.66 23.31
C ILE A 218 -30.74 -20.20 21.95
N ASP A 219 -29.60 -20.03 21.27
CA ASP A 219 -29.44 -20.65 19.98
C ASP A 219 -28.55 -21.85 20.14
N GLN A 220 -29.01 -23.02 19.67
CA GLN A 220 -28.32 -24.31 19.89
C GLN A 220 -27.20 -24.54 18.95
N THR A 221 -27.21 -23.94 17.78
CA THR A 221 -26.02 -24.11 16.90
C THR A 221 -24.83 -23.32 17.51
N LEU A 222 -25.08 -22.07 17.86
CA LEU A 222 -24.06 -21.23 18.55
C LEU A 222 -23.74 -21.62 19.99
N LYS A 223 -24.65 -22.34 20.64
CA LYS A 223 -24.56 -22.57 22.11
C LYS A 223 -24.42 -21.21 22.74
N ALA A 224 -25.39 -20.34 22.45
CA ALA A 224 -25.26 -19.00 22.90
C ALA A 224 -26.58 -18.45 23.26
N LYS A 225 -26.53 -17.54 24.19
CA LYS A 225 -27.69 -16.80 24.56
C LYS A 225 -27.69 -15.61 23.63
N VAL A 226 -28.86 -15.33 23.09
CA VAL A 226 -29.12 -14.24 22.18
C VAL A 226 -30.09 -13.28 22.77
N GLY A 227 -29.67 -12.05 22.95
CA GLY A 227 -30.58 -11.06 23.45
C GLY A 227 -30.63 -9.78 22.67
N GLN A 228 -31.82 -9.28 22.49
CA GLN A 228 -32.09 -8.08 21.77
C GLN A 228 -32.65 -6.97 22.66
N LEU A 229 -31.97 -5.80 22.64
CA LEU A 229 -32.42 -4.61 23.36
C LEU A 229 -32.81 -3.51 22.38
N GLN A 230 -33.86 -2.78 22.67
CA GLN A 230 -34.47 -1.86 21.74
C GLN A 230 -33.76 -0.53 21.90
N LEU A 231 -33.42 0.09 20.80
CA LEU A 231 -32.91 1.45 20.82
C LEU A 231 -33.93 2.35 20.21
N SER A 232 -33.60 3.63 20.24
CA SER A 232 -34.27 4.62 19.44
C SER A 232 -34.04 4.32 17.94
N HIS A 233 -34.85 5.00 17.13
CA HIS A 233 -34.69 5.05 15.65
C HIS A 233 -34.84 3.75 14.99
N ASN A 234 -35.72 2.91 15.51
CA ASN A 234 -35.94 1.62 14.91
C ASN A 234 -34.62 0.76 14.69
N LEU A 235 -33.72 0.86 15.66
CA LEU A 235 -32.55 0.03 15.82
C LEU A 235 -32.60 -0.80 17.10
N SER A 236 -31.97 -1.98 17.10
CA SER A 236 -31.82 -2.77 18.29
C SER A 236 -30.38 -3.20 18.43
N LEU A 237 -29.99 -3.54 19.66
CA LEU A 237 -28.70 -4.13 19.88
C LEU A 237 -28.91 -5.55 20.15
N VAL A 238 -28.23 -6.43 19.43
CA VAL A 238 -28.36 -7.87 19.56
C VAL A 238 -27.07 -8.32 20.20
N ILE A 239 -27.14 -9.02 21.34
CA ILE A 239 -26.00 -9.47 22.00
C ILE A 239 -25.99 -11.01 21.95
N LEU A 240 -24.85 -11.58 21.57
CA LEU A 240 -24.59 -13.00 21.55
C LEU A 240 -23.48 -13.40 22.53
N VAL A 241 -23.81 -14.18 23.53
CA VAL A 241 -22.89 -14.57 24.57
C VAL A 241 -22.90 -16.10 24.62
N PRO A 242 -21.75 -16.71 24.55
CA PRO A 242 -21.70 -18.16 24.80
C PRO A 242 -22.33 -18.54 26.14
N GLN A 243 -23.08 -19.64 26.15
CA GLN A 243 -23.85 -20.03 27.32
C GLN A 243 -23.02 -20.11 28.61
N ASN A 244 -22.07 -21.04 28.63
CA ASN A 244 -21.12 -21.23 29.74
C ASN A 244 -19.72 -20.65 29.49
N LEU A 245 -18.93 -20.52 30.54
CA LEU A 245 -17.50 -20.20 30.40
C LEU A 245 -16.71 -21.31 29.72
N LYS A 246 -17.29 -22.50 29.67
CA LYS A 246 -16.81 -23.65 28.88
C LYS A 246 -16.51 -23.26 27.44
N HIS A 247 -17.42 -22.48 26.87
CA HIS A 247 -17.36 -22.09 25.47
C HIS A 247 -16.56 -20.79 25.33
N ARG A 248 -15.76 -20.74 24.26
CA ARG A 248 -14.88 -19.59 23.96
C ARG A 248 -15.55 -18.81 22.87
N LEU A 249 -15.41 -17.51 22.94
CA LEU A 249 -15.97 -16.62 21.90
C LEU A 249 -15.51 -17.03 20.50
N GLU A 250 -14.22 -17.31 20.34
CA GLU A 250 -13.70 -17.85 19.09
C GLU A 250 -14.52 -18.93 18.39
N ASP A 251 -15.04 -19.92 19.13
CA ASP A 251 -15.80 -21.01 18.54
C ASP A 251 -17.15 -20.56 18.08
N MET A 252 -17.74 -19.65 18.86
CA MET A 252 -19.02 -19.07 18.48
C MET A 252 -18.79 -18.25 17.18
N GLU A 253 -17.69 -17.53 17.12
CA GLU A 253 -17.40 -16.69 15.88
C GLU A 253 -17.44 -17.54 14.64
N GLN A 254 -16.77 -18.68 14.72
CA GLN A 254 -16.76 -19.68 13.61
C GLN A 254 -18.11 -20.19 13.20
N ALA A 255 -18.98 -20.40 14.17
CA ALA A 255 -20.26 -21.04 13.95
C ALA A 255 -21.29 -20.07 13.42
N LEU A 256 -20.98 -18.76 13.44
CA LEU A 256 -21.88 -17.72 13.02
C LEU A 256 -21.80 -17.55 11.41
N SER A 257 -22.42 -18.48 10.68
CA SER A 257 -22.61 -18.50 9.26
C SER A 257 -23.71 -17.48 8.88
N PRO A 258 -23.82 -17.18 7.58
CA PRO A 258 -24.90 -16.29 7.18
C PRO A 258 -26.34 -16.84 7.45
N SER A 259 -26.51 -18.16 7.22
CA SER A 259 -27.82 -18.82 7.47
C SER A 259 -28.11 -18.73 8.95
N VAL A 260 -27.14 -19.06 9.78
CA VAL A 260 -27.34 -19.01 11.29
C VAL A 260 -27.72 -17.59 11.70
N PHE A 261 -26.91 -16.64 11.22
CA PHE A 261 -27.14 -15.19 11.44
C PHE A 261 -28.57 -14.72 11.06
N LYS A 262 -28.97 -15.09 9.84
CA LYS A 262 -30.25 -14.72 9.29
C LYS A 262 -31.37 -15.25 10.11
N ALA A 263 -31.29 -16.55 10.38
CA ALA A 263 -32.20 -17.26 11.25
C ALA A 263 -32.31 -16.62 12.61
N ILE A 264 -31.17 -16.18 13.15
CA ILE A 264 -31.19 -15.51 14.46
C ILE A 264 -32.08 -14.27 14.28
N MET A 265 -31.82 -13.51 13.21
CA MET A 265 -32.60 -12.28 13.00
C MET A 265 -34.10 -12.44 12.73
N GLU A 266 -34.47 -13.51 12.02
CA GLU A 266 -35.84 -13.77 11.71
C GLU A 266 -36.51 -14.26 12.98
N LYS A 267 -35.79 -15.08 13.78
CA LYS A 267 -36.36 -15.47 14.99
C LYS A 267 -36.67 -14.28 15.92
N LEU A 268 -35.74 -13.35 16.03
CA LEU A 268 -35.92 -12.18 16.92
C LEU A 268 -37.06 -11.20 16.54
N GLU A 269 -37.19 -10.90 15.26
CA GLU A 269 -38.35 -10.17 14.77
C GLU A 269 -39.65 -10.78 15.26
N MET A 270 -39.70 -12.12 15.43
CA MET A 270 -40.86 -12.85 16.05
C MET A 270 -40.82 -13.11 17.57
N SER A 271 -39.71 -12.79 18.24
CA SER A 271 -39.60 -12.94 19.69
C SER A 271 -40.08 -11.68 20.29
N LYS A 272 -40.90 -11.79 21.30
CA LYS A 272 -41.37 -10.61 22.00
C LYS A 272 -40.36 -10.15 23.08
N PHE A 273 -40.34 -8.83 23.29
CA PHE A 273 -39.68 -8.20 24.38
C PHE A 273 -40.50 -8.48 25.66
N GLN A 274 -39.80 -8.91 26.67
CA GLN A 274 -40.37 -9.33 27.95
C GLN A 274 -39.52 -8.76 29.11
N PRO A 275 -40.18 -8.39 30.20
CA PRO A 275 -39.52 -8.06 31.48
C PRO A 275 -38.51 -9.08 31.96
N THR A 276 -37.28 -8.56 32.05
CA THR A 276 -36.10 -9.37 32.20
C THR A 276 -35.18 -8.76 33.25
N LEU A 277 -34.60 -9.65 34.07
CA LEU A 277 -33.47 -9.31 34.86
C LEU A 277 -32.16 -9.25 34.01
N LEU A 278 -31.65 -8.05 33.88
CA LEU A 278 -30.68 -7.73 32.92
C LEU A 278 -29.46 -7.12 33.63
N THR A 279 -28.26 -7.60 33.22
CA THR A 279 -27.05 -7.04 33.69
C THR A 279 -26.03 -6.96 32.52
N LEU A 280 -25.44 -5.81 32.26
CA LEU A 280 -24.39 -5.71 31.30
C LEU A 280 -23.55 -4.49 31.45
N PRO A 281 -22.26 -4.60 30.98
CA PRO A 281 -21.44 -3.41 31.00
C PRO A 281 -21.93 -2.32 30.07
N ARG A 282 -21.43 -1.14 30.32
CA ARG A 282 -21.51 -0.08 29.36
C ARG A 282 -20.73 -0.54 28.13
N ILE A 283 -21.24 -0.24 26.98
CA ILE A 283 -20.56 -0.62 25.73
C ILE A 283 -19.96 0.63 25.17
N LYS A 284 -18.67 0.58 25.07
CA LYS A 284 -17.91 1.73 24.63
C LYS A 284 -16.71 1.17 23.77
N VAL A 285 -16.83 1.29 22.44
CA VAL A 285 -15.85 0.77 21.50
C VAL A 285 -15.55 1.81 20.37
N THR A 286 -14.27 2.13 20.19
CA THR A 286 -13.78 2.85 19.07
C THR A 286 -12.78 2.02 18.31
N THR A 287 -13.00 1.89 16.99
CA THR A 287 -12.11 1.14 16.16
C THR A 287 -11.76 1.99 14.91
N SER A 288 -10.44 2.14 14.68
CA SER A 288 -9.86 2.71 13.51
C SER A 288 -9.14 1.65 12.75
N GLN A 289 -9.47 1.51 11.47
CA GLN A 289 -8.89 0.44 10.71
C GLN A 289 -8.50 0.93 9.28
N ASP A 290 -7.25 0.58 8.95
CA ASP A 290 -6.72 0.64 7.66
C ASP A 290 -7.51 -0.36 6.90
N MET A 291 -8.41 0.13 6.07
CA MET A 291 -9.22 -0.74 5.28
C MET A 291 -8.51 -1.40 4.08
N LEU A 292 -7.34 -0.91 3.67
CA LEU A 292 -6.67 -1.64 2.50
C LEU A 292 -6.17 -3.01 2.92
N SER A 293 -5.77 -3.12 4.19
CA SER A 293 -5.41 -4.44 4.75
C SER A 293 -6.64 -5.39 4.84
N ILE A 294 -7.80 -4.84 5.16
CA ILE A 294 -9.02 -5.64 5.26
C ILE A 294 -9.34 -6.13 3.83
N MET A 295 -9.28 -5.22 2.88
CA MET A 295 -9.62 -5.58 1.45
C MET A 295 -8.70 -6.70 0.84
N GLU A 296 -7.44 -6.54 1.13
CA GLU A 296 -6.49 -7.67 0.96
C GLU A 296 -6.76 -8.94 1.76
N LYS A 297 -7.19 -8.84 3.01
CA LYS A 297 -7.58 -10.07 3.74
C LYS A 297 -8.73 -10.69 3.04
N LEU A 298 -9.62 -9.84 2.41
CA LEU A 298 -10.80 -10.39 1.80
C LEU A 298 -10.45 -10.88 0.43
N GLU A 299 -9.15 -10.88 0.13
CA GLU A 299 -8.62 -11.27 -1.20
C GLU A 299 -9.10 -10.33 -2.26
N PHE A 300 -9.24 -9.06 -1.92
CA PHE A 300 -9.53 -8.02 -2.93
C PHE A 300 -8.27 -7.20 -2.99
N PHE A 301 -7.68 -7.25 -4.14
CA PHE A 301 -6.34 -6.61 -4.34
C PHE A 301 -6.37 -5.39 -5.20
N ASP A 302 -7.48 -5.12 -5.86
CA ASP A 302 -7.49 -4.05 -6.90
C ASP A 302 -7.07 -2.66 -6.46
N PHE A 303 -7.34 -2.31 -5.22
CA PHE A 303 -6.99 -0.97 -4.79
C PHE A 303 -5.50 -0.63 -4.79
N SER A 304 -4.66 -1.65 -4.68
CA SER A 304 -3.24 -1.47 -4.71
C SER A 304 -2.61 -2.15 -5.89
N TYR A 305 -3.36 -2.75 -6.82
CA TYR A 305 -2.79 -3.42 -7.97
C TYR A 305 -3.81 -3.51 -9.06
N ASP A 306 -3.55 -2.95 -10.22
CA ASP A 306 -4.40 -3.19 -11.45
C ASP A 306 -5.86 -2.64 -11.31
N LEU A 307 -5.96 -1.45 -10.76
CA LEU A 307 -7.23 -0.84 -10.45
C LEU A 307 -7.93 -0.39 -11.71
N ASN A 308 -9.20 -0.70 -11.89
CA ASN A 308 -10.01 -0.01 -12.87
C ASN A 308 -11.18 0.79 -12.28
N LEU A 309 -10.97 2.08 -12.08
CA LEU A 309 -11.99 3.11 -11.85
C LEU A 309 -12.20 4.06 -13.00
N CYS A 310 -12.44 3.48 -14.17
CA CYS A 310 -12.56 4.24 -15.42
C CYS A 310 -13.73 5.21 -15.38
N GLY A 311 -14.75 4.89 -14.60
CA GLY A 311 -15.91 5.73 -14.46
C GLY A 311 -15.61 6.93 -13.62
N LEU A 312 -14.68 6.82 -12.72
CA LEU A 312 -14.29 7.89 -11.84
C LEU A 312 -13.34 8.85 -12.52
N THR A 313 -12.39 8.30 -13.24
CA THR A 313 -11.30 9.08 -13.85
C THR A 313 -10.71 8.31 -14.99
N GLU A 314 -10.15 9.04 -15.94
CA GLU A 314 -9.47 8.44 -17.15
C GLU A 314 -8.03 8.20 -16.88
N ASP A 315 -7.56 8.62 -15.72
CA ASP A 315 -6.17 8.54 -15.39
C ASP A 315 -5.65 7.14 -15.46
N PRO A 316 -4.51 6.92 -16.18
CA PRO A 316 -3.97 5.57 -16.43
C PRO A 316 -3.11 4.98 -15.30
N ASP A 317 -2.66 5.76 -14.34
CA ASP A 317 -1.83 5.15 -13.33
C ASP A 317 -2.34 5.31 -11.89
N LEU A 318 -3.45 4.63 -11.60
CA LEU A 318 -4.27 4.91 -10.43
C LEU A 318 -4.14 3.79 -9.38
N GLN A 319 -3.95 4.20 -8.12
CA GLN A 319 -4.11 3.35 -6.98
C GLN A 319 -4.68 4.14 -5.81
N VAL A 320 -5.36 3.41 -4.92
CA VAL A 320 -5.84 4.04 -3.72
C VAL A 320 -4.74 4.24 -2.74
N SER A 321 -4.38 5.45 -2.39
CA SER A 321 -3.30 5.67 -1.51
C SER A 321 -3.63 5.31 -0.04
N ALA A 322 -4.87 5.55 0.42
CA ALA A 322 -5.26 5.15 1.67
C ALA A 322 -6.79 4.99 1.75
N MET A 323 -7.23 4.05 2.63
CA MET A 323 -8.63 3.82 2.82
C MET A 323 -8.78 3.56 4.35
N GLN A 324 -9.54 4.43 4.99
CA GLN A 324 -9.64 4.46 6.43
C GLN A 324 -11.06 4.47 6.86
N HIS A 325 -11.35 3.62 7.83
CA HIS A 325 -12.67 3.52 8.45
C HIS A 325 -12.54 3.68 9.97
N GLN A 326 -13.47 4.45 10.56
CA GLN A 326 -13.54 4.57 12.00
C GLN A 326 -14.98 4.53 12.49
N THR A 327 -15.21 3.68 13.45
CA THR A 327 -16.48 3.61 14.15
C THR A 327 -16.22 4.08 15.59
N VAL A 328 -17.13 4.89 16.10
CA VAL A 328 -17.26 5.19 17.53
C VAL A 328 -18.66 4.79 17.97
N LEU A 329 -18.74 3.92 18.93
CA LEU A 329 -20.04 3.34 19.36
C LEU A 329 -20.07 3.38 20.89
N GLU A 330 -21.00 4.12 21.46
CA GLU A 330 -21.10 4.21 22.92
C GLU A 330 -22.53 4.11 23.40
N LEU A 331 -22.78 3.16 24.29
CA LEU A 331 -24.10 3.00 24.96
C LEU A 331 -23.92 2.97 26.48
N THR A 332 -24.36 4.01 27.17
CA THR A 332 -24.32 4.11 28.64
C THR A 332 -25.74 4.02 29.18
N GLU A 333 -26.02 4.54 30.38
CA GLU A 333 -27.35 4.36 30.98
C GLU A 333 -28.44 5.11 30.27
N THR A 334 -28.07 6.23 29.66
CA THR A 334 -29.01 7.12 29.09
C THR A 334 -29.93 6.51 27.98
N GLY A 335 -31.21 6.74 28.11
CA GLY A 335 -32.22 6.14 27.27
C GLY A 335 -33.30 7.19 26.93
N VAL A 336 -34.31 6.84 26.13
CA VAL A 336 -35.30 7.83 25.73
C VAL A 336 -36.40 8.01 26.85
N GLU A 337 -36.95 6.88 27.34
CA GLU A 337 -38.10 6.74 28.18
C GLU A 337 -37.69 6.16 29.53
N ALA A 338 -38.35 6.60 30.61
CA ALA A 338 -38.23 5.93 31.89
C ALA A 338 -38.82 4.48 31.87
N ALA A 339 -38.22 3.65 32.71
CA ALA A 339 -38.72 2.31 32.94
C ALA A 339 -40.20 2.36 33.42
N ALA A 340 -41.04 1.42 32.96
CA ALA A 340 -42.42 1.25 33.46
C ALA A 340 -42.33 0.72 34.88
N ALA A 341 -43.41 0.80 35.66
CA ALA A 341 -43.35 0.13 36.98
C ALA A 341 -44.31 -1.07 37.08
N SER A 342 -43.96 -2.01 37.97
CA SER A 342 -44.83 -3.11 38.38
C SER A 342 -44.85 -3.10 39.91
N ALA A 343 -45.85 -3.76 40.51
CA ALA A 343 -45.93 -3.91 41.99
C ALA A 343 -45.26 -5.21 42.46
N ILE A 344 -43.93 -5.12 42.60
CA ILE A 344 -43.10 -6.08 43.38
C ILE A 344 -42.64 -7.25 42.50
N SER A 345 -43.20 -8.42 42.80
CA SER A 345 -42.75 -9.67 42.29
C SER A 345 -43.89 -10.08 41.40
N VAL A 346 -45.11 -10.21 41.97
CA VAL A 346 -46.20 -10.92 41.32
C VAL A 346 -45.57 -12.26 40.90
N ALA A 347 -44.59 -12.19 39.99
CA ALA A 347 -43.89 -13.33 39.43
C ALA A 347 -43.14 -14.16 40.49
N ARG A 348 -43.26 -15.46 40.35
CA ARG A 348 -42.39 -16.46 40.97
C ARG A 348 -41.06 -16.75 40.09
N THR A 349 -41.18 -16.49 38.79
CA THR A 349 -40.15 -16.88 37.82
C THR A 349 -39.89 -15.64 37.04
N LEU A 350 -38.64 -15.37 36.85
CA LEU A 350 -38.24 -14.17 36.16
C LEU A 350 -37.29 -14.50 35.05
N LEU A 351 -37.40 -13.80 33.93
CA LEU A 351 -36.51 -14.07 32.85
C LEU A 351 -35.23 -13.40 33.21
N VAL A 352 -34.12 -14.01 32.80
CA VAL A 352 -32.79 -13.42 33.01
C VAL A 352 -31.88 -13.34 31.72
N PHE A 353 -31.10 -12.26 31.60
CA PHE A 353 -30.07 -12.12 30.51
C PHE A 353 -28.86 -11.27 30.98
N GLU A 354 -27.76 -11.93 31.27
CA GLU A 354 -26.68 -11.30 31.98
C GLU A 354 -25.45 -11.48 31.12
N VAL A 355 -24.73 -10.41 30.92
CA VAL A 355 -23.66 -10.38 30.01
C VAL A 355 -22.42 -10.26 30.79
N GLN A 356 -21.76 -11.38 31.06
CA GLN A 356 -20.64 -11.39 32.07
C GLN A 356 -19.39 -12.08 31.62
N GLN A 357 -19.32 -12.20 30.30
CA GLN A 357 -18.15 -12.71 29.61
C GLN A 357 -18.07 -12.07 28.22
N PRO A 358 -16.93 -12.29 27.50
CA PRO A 358 -16.83 -11.73 26.19
C PRO A 358 -17.97 -12.07 25.28
N PHE A 359 -18.36 -11.05 24.46
CA PHE A 359 -19.54 -11.19 23.69
C PHE A 359 -19.42 -10.53 22.32
N LEU A 360 -20.22 -11.02 21.42
CA LEU A 360 -20.39 -10.48 20.07
C LEU A 360 -21.66 -9.61 20.03
N PHE A 361 -21.64 -8.48 19.29
CA PHE A 361 -22.84 -7.67 19.12
C PHE A 361 -23.07 -7.27 17.68
N VAL A 362 -24.34 -7.09 17.41
CA VAL A 362 -24.83 -6.58 16.14
C VAL A 362 -25.81 -5.47 16.48
N LEU A 363 -25.59 -4.30 15.93
CA LEU A 363 -26.58 -3.21 15.99
C LEU A 363 -27.37 -3.23 14.69
N TRP A 364 -28.64 -3.55 14.81
CA TRP A 364 -29.47 -4.05 13.73
C TRP A 364 -30.51 -3.04 13.38
N ASP A 365 -30.70 -2.79 12.10
CA ASP A 365 -31.74 -1.93 11.59
C ASP A 365 -33.00 -2.75 11.40
N GLN A 366 -34.03 -2.46 12.24
CA GLN A 366 -35.23 -3.27 12.24
C GLN A 366 -36.11 -3.01 10.99
N GLN A 367 -36.13 -1.80 10.49
CA GLN A 367 -36.97 -1.48 9.33
C GLN A 367 -36.43 -2.12 8.02
N HIS A 368 -35.13 -2.09 7.78
CA HIS A 368 -34.59 -2.55 6.51
C HIS A 368 -33.86 -3.87 6.63
N LYS A 369 -33.72 -4.38 7.88
CA LYS A 369 -33.13 -5.67 8.15
C LYS A 369 -31.67 -5.82 7.76
N PHE A 370 -30.84 -4.98 8.34
CA PHE A 370 -29.39 -5.12 8.17
C PHE A 370 -28.55 -4.65 9.31
N PRO A 371 -27.26 -5.06 9.30
CA PRO A 371 -26.41 -4.63 10.36
C PRO A 371 -25.80 -3.30 10.11
N VAL A 372 -26.11 -2.40 11.02
CA VAL A 372 -25.54 -1.12 10.96
C VAL A 372 -24.12 -1.22 11.52
N PHE A 373 -23.96 -1.90 12.68
CA PHE A 373 -22.62 -2.12 13.28
C PHE A 373 -22.52 -3.54 13.69
N MET A 374 -21.31 -4.01 13.83
CA MET A 374 -21.06 -5.31 14.37
C MET A 374 -19.73 -5.25 15.06
N GLY A 375 -19.53 -6.13 16.04
CA GLY A 375 -18.30 -6.08 16.78
C GLY A 375 -18.28 -7.06 17.97
N ARG A 376 -17.35 -6.86 18.91
CA ARG A 376 -17.26 -7.76 20.08
C ARG A 376 -16.60 -6.98 21.18
N VAL A 377 -16.90 -7.41 22.40
CA VAL A 377 -16.24 -6.83 23.55
C VAL A 377 -15.60 -8.04 24.29
N TYR A 378 -14.28 -7.97 24.50
CA TYR A 378 -13.55 -8.85 25.37
C TYR A 378 -13.31 -8.24 26.74
N ASP A 379 -13.04 -6.96 26.84
CA ASP A 379 -12.68 -6.32 28.08
C ASP A 379 -13.39 -4.97 28.09
N PRO A 380 -14.44 -4.84 28.95
CA PRO A 380 -15.21 -3.61 28.98
C PRO A 380 -14.48 -2.42 29.53
N ARG A 381 -13.35 -2.68 30.17
CA ARG A 381 -12.51 -1.59 30.57
C ARG A 381 -11.71 -1.09 29.33
N CYS B 5 12.80 -4.83 20.11
CA CYS B 5 12.59 -4.32 18.71
C CYS B 5 12.46 -2.78 18.64
N PRO B 6 13.26 -2.06 17.81
CA PRO B 6 12.99 -0.60 17.62
C PRO B 6 11.53 -0.33 17.30
N GLY B 7 10.86 0.50 18.12
CA GLY B 7 9.48 0.94 17.90
C GLY B 7 9.38 1.76 16.62
N PRO B 8 8.16 2.17 16.22
CA PRO B 8 8.09 2.79 14.89
C PRO B 8 8.85 4.11 14.77
N VAL B 9 9.45 4.34 13.60
CA VAL B 9 10.25 5.54 13.38
C VAL B 9 9.33 6.76 13.48
N THR B 10 9.86 7.89 13.93
CA THR B 10 9.13 9.18 13.79
C THR B 10 9.34 9.67 12.34
N LEU B 11 8.24 10.09 11.71
CA LEU B 11 8.28 10.73 10.40
C LEU B 11 8.98 12.05 10.55
N CYS B 12 9.75 12.40 9.53
CA CYS B 12 10.47 13.67 9.48
C CYS B 12 9.55 14.69 8.78
N SER B 13 9.66 15.99 9.08
CA SER B 13 9.04 16.98 8.16
C SER B 13 9.76 16.92 6.81
N ASP B 14 9.13 17.52 5.81
CA ASP B 14 9.76 17.78 4.51
C ASP B 14 11.15 18.44 4.66
N LEU B 15 11.28 19.39 5.59
CA LEU B 15 12.53 20.15 5.72
C LEU B 15 13.67 19.30 6.30
N GLU B 16 13.35 18.55 7.35
CA GLU B 16 14.33 17.62 7.99
C GLU B 16 14.81 16.60 6.93
N SER B 17 13.85 16.10 6.15
CA SER B 17 14.15 15.14 5.05
C SER B 17 15.07 15.74 3.95
N HIS B 18 14.81 16.98 3.54
CA HIS B 18 15.65 17.70 2.53
C HIS B 18 17.14 17.86 2.98
N SER B 19 17.38 18.09 4.28
CA SER B 19 18.71 18.31 4.88
C SER B 19 19.66 17.09 4.88
N THR B 20 19.11 15.90 4.67
CA THR B 20 19.85 14.66 4.59
C THR B 20 20.25 14.24 3.16
N GLU B 21 19.78 14.98 2.18
CA GLU B 21 19.94 14.58 0.82
C GLU B 21 21.39 14.47 0.38
N ALA B 22 22.30 15.30 0.90
CA ALA B 22 23.70 15.25 0.39
C ALA B 22 24.38 14.04 0.96
N VAL B 23 24.09 13.70 2.21
CA VAL B 23 24.61 12.51 2.80
C VAL B 23 24.16 11.30 1.95
N LEU B 24 22.89 11.28 1.57
CA LEU B 24 22.27 10.10 0.99
C LEU B 24 22.85 9.93 -0.36
N GLY B 25 22.98 11.06 -1.08
CA GLY B 25 23.69 11.07 -2.32
C GLY B 25 25.02 10.36 -2.26
N ASP B 26 25.83 10.82 -1.36
CA ASP B 26 27.15 10.32 -1.21
C ASP B 26 27.19 8.84 -0.78
N ALA B 27 26.23 8.38 0.04
CA ALA B 27 26.10 6.99 0.40
C ALA B 27 25.81 6.22 -0.87
N LEU B 28 24.84 6.70 -1.65
CA LEU B 28 24.45 5.98 -2.84
C LEU B 28 25.60 5.87 -3.87
N VAL B 29 26.48 6.86 -3.94
CA VAL B 29 27.70 6.76 -4.76
C VAL B 29 28.55 5.61 -4.21
N ASP B 30 28.80 5.58 -2.90
CA ASP B 30 29.62 4.56 -2.28
C ASP B 30 29.03 3.21 -2.59
N PHE B 31 27.71 3.08 -2.28
CA PHE B 31 27.01 1.84 -2.45
C PHE B 31 27.05 1.39 -3.93
N SER B 32 26.89 2.30 -4.88
CA SER B 32 27.04 1.98 -6.33
C SER B 32 28.29 1.27 -6.73
N LEU B 33 29.39 1.78 -6.23
CA LEU B 33 30.69 1.14 -6.45
C LEU B 33 30.87 -0.23 -5.80
N LYS B 34 30.38 -0.39 -4.56
CA LYS B 34 30.42 -1.71 -3.93
C LYS B 34 29.65 -2.68 -4.77
N LEU B 35 28.48 -2.27 -5.28
CA LEU B 35 27.69 -3.13 -6.14
C LEU B 35 28.37 -3.42 -7.44
N TYR B 36 29.00 -2.43 -8.00
CA TYR B 36 29.70 -2.59 -9.30
C TYR B 36 30.74 -3.68 -9.27
N HIS B 37 31.57 -3.66 -8.25
CA HIS B 37 32.56 -4.73 -8.08
C HIS B 37 31.97 -6.04 -7.74
N ALA B 38 30.89 -6.06 -6.97
CA ALA B 38 30.30 -7.36 -6.67
C ALA B 38 29.67 -7.91 -7.93
N PHE B 39 28.92 -7.09 -8.65
CA PHE B 39 28.28 -7.56 -9.92
C PHE B 39 29.35 -8.06 -10.90
N SER B 40 30.45 -7.34 -10.97
CA SER B 40 31.55 -7.74 -11.87
C SER B 40 32.14 -9.11 -11.40
N ALA B 41 32.40 -9.25 -10.14
CA ALA B 41 32.85 -10.54 -9.65
C ALA B 41 31.84 -11.70 -9.95
N MET B 42 30.52 -11.48 -10.01
CA MET B 42 29.56 -12.56 -10.32
C MET B 42 29.43 -12.88 -11.79
N LYS B 43 29.82 -11.97 -12.70
CA LYS B 43 29.66 -12.21 -14.09
C LYS B 43 30.96 -12.70 -14.73
N LYS B 44 30.78 -13.38 -15.84
CA LYS B 44 31.89 -13.76 -16.65
C LYS B 44 32.67 -12.53 -17.14
N VAL B 45 33.88 -12.80 -17.57
CA VAL B 45 34.75 -11.73 -18.02
C VAL B 45 34.15 -11.09 -19.30
N GLU B 46 34.41 -9.82 -19.51
CA GLU B 46 34.10 -9.21 -20.81
C GLU B 46 32.62 -9.29 -21.18
N THR B 47 31.75 -9.12 -20.17
CA THR B 47 30.32 -9.14 -20.38
C THR B 47 29.71 -7.75 -20.16
N ASN B 48 28.59 -7.53 -20.83
CA ASN B 48 27.83 -6.32 -20.59
C ASN B 48 27.08 -6.48 -19.24
N MET B 49 26.91 -5.37 -18.51
CA MET B 49 26.00 -5.38 -17.39
C MET B 49 25.44 -4.04 -17.10
N ALA B 50 24.24 -4.05 -16.44
CA ALA B 50 23.61 -2.84 -16.00
C ALA B 50 22.80 -3.08 -14.72
N PHE B 51 22.83 -2.17 -13.74
CA PHE B 51 22.03 -2.41 -12.52
C PHE B 51 21.69 -1.03 -11.98
N SER B 52 20.75 -0.98 -11.03
CA SER B 52 20.33 0.23 -10.44
C SER B 52 20.67 0.29 -8.99
N PRO B 53 21.64 1.11 -8.63
CA PRO B 53 21.94 1.24 -7.24
C PRO B 53 20.85 1.89 -6.52
N PHE B 54 20.18 2.82 -7.18
CA PHE B 54 19.06 3.48 -6.59
C PHE B 54 17.91 2.49 -6.20
N SER B 55 17.47 1.63 -7.12
CA SER B 55 16.34 0.81 -6.86
C SER B 55 16.66 -0.37 -5.95
N ILE B 56 17.87 -0.91 -6.08
CA ILE B 56 18.41 -1.84 -5.11
C ILE B 56 18.47 -1.23 -3.68
N ALA B 57 19.03 -0.03 -3.56
CA ALA B 57 19.03 0.64 -2.30
C ALA B 57 17.61 0.86 -1.73
N SER B 58 16.63 1.19 -2.58
CA SER B 58 15.29 1.40 -2.06
C SER B 58 14.77 0.13 -1.47
N LEU B 59 14.98 -0.96 -2.17
CA LEU B 59 14.45 -2.23 -1.75
C LEU B 59 15.05 -2.64 -0.43
N LEU B 60 16.35 -2.50 -0.32
CA LEU B 60 17.07 -2.78 0.93
C LEU B 60 16.62 -1.83 2.05
N THR B 61 16.36 -0.56 1.73
CA THR B 61 16.02 0.41 2.73
C THR B 61 14.58 0.15 3.28
N GLN B 62 13.67 -0.33 2.44
CA GLN B 62 12.40 -0.82 2.88
C GLN B 62 12.57 -2.03 3.84
N VAL B 63 13.58 -2.86 3.58
CA VAL B 63 13.87 -3.94 4.53
C VAL B 63 14.42 -3.32 5.80
N LEU B 64 15.33 -2.35 5.66
CA LEU B 64 15.95 -1.72 6.83
C LEU B 64 14.89 -1.19 7.78
N LEU B 65 13.80 -0.69 7.22
CA LEU B 65 12.67 -0.23 7.94
C LEU B 65 12.15 -1.23 9.02
N GLY B 66 12.24 -2.52 8.71
CA GLY B 66 11.78 -3.58 9.55
C GLY B 66 12.85 -4.35 10.28
N ALA B 67 14.10 -3.85 10.26
CA ALA B 67 15.19 -4.60 10.83
C ALA B 67 15.45 -4.24 12.33
N GLY B 68 16.00 -5.21 13.09
CA GLY B 68 16.67 -4.90 14.34
C GLY B 68 18.06 -5.51 14.40
N GLU B 69 18.70 -5.23 15.53
CA GLU B 69 19.94 -5.78 16.03
C GLU B 69 21.09 -5.61 15.06
N ASN B 70 21.76 -6.76 14.88
CA ASN B 70 22.83 -6.73 13.94
C ASN B 70 22.34 -6.56 12.51
N THR B 71 21.17 -7.05 12.11
CA THR B 71 20.72 -6.88 10.75
C THR B 71 20.61 -5.39 10.37
N LYS B 72 20.12 -4.58 11.31
CA LYS B 72 20.00 -3.16 11.13
C LYS B 72 21.35 -2.51 10.87
N THR B 73 22.26 -2.72 11.80
CA THR B 73 23.62 -2.25 11.63
C THR B 73 24.28 -2.77 10.37
N ASN B 74 24.09 -4.05 10.07
CA ASN B 74 24.70 -4.61 8.91
C ASN B 74 24.17 -3.98 7.55
N LEU B 75 22.86 -3.72 7.48
CA LEU B 75 22.26 -3.10 6.37
C LEU B 75 22.77 -1.68 6.22
N GLU B 76 22.79 -0.99 7.31
CA GLU B 76 23.30 0.36 7.30
C GLU B 76 24.74 0.46 6.78
N SER B 77 25.59 -0.51 7.18
CA SER B 77 27.00 -0.50 6.72
C SER B 77 27.10 -0.82 5.25
N ILE B 78 26.37 -1.81 4.79
CA ILE B 78 26.30 -2.06 3.39
C ILE B 78 25.87 -0.80 2.54
N LEU B 79 24.83 -0.13 3.00
CA LEU B 79 24.21 1.01 2.37
C LEU B 79 25.06 2.27 2.55
N SER B 80 26.10 2.22 3.41
CA SER B 80 26.90 3.37 3.82
C SER B 80 26.08 4.46 4.45
N TYR B 81 25.05 4.12 5.20
CA TYR B 81 24.33 5.11 5.93
C TYR B 81 24.93 5.27 7.32
N PRO B 82 24.88 6.47 7.88
CA PRO B 82 25.24 6.58 9.30
C PRO B 82 24.15 6.01 10.21
N LYS B 83 24.47 5.85 11.48
CA LYS B 83 23.50 5.32 12.42
C LYS B 83 22.43 6.36 12.54
N ASP B 84 21.22 5.87 12.86
CA ASP B 84 20.05 6.74 13.14
C ASP B 84 19.70 7.75 12.03
N PHE B 85 19.78 7.27 10.80
CA PHE B 85 19.51 8.04 9.58
C PHE B 85 18.01 7.92 9.33
N THR B 86 17.20 8.51 10.17
CA THR B 86 15.76 8.18 10.24
C THR B 86 14.98 8.75 9.05
N CYS B 87 15.46 9.89 8.54
CA CYS B 87 14.78 10.51 7.42
C CYS B 87 15.02 9.78 6.08
N VAL B 88 15.80 8.71 6.06
CA VAL B 88 16.20 8.11 4.78
C VAL B 88 15.01 7.60 3.99
N HIS B 89 13.98 7.07 4.67
CA HIS B 89 12.85 6.43 3.90
C HIS B 89 12.16 7.44 3.07
N GLN B 90 11.93 8.59 3.64
CA GLN B 90 11.30 9.71 2.96
C GLN B 90 12.20 10.37 1.93
N ALA B 91 13.44 10.63 2.29
CA ALA B 91 14.38 11.25 1.32
C ALA B 91 14.53 10.44 0.06
N LEU B 92 14.68 9.12 0.26
CA LEU B 92 14.89 8.20 -0.85
C LEU B 92 13.63 8.08 -1.73
N LYS B 93 12.50 8.10 -1.09
CA LYS B 93 11.28 8.23 -1.86
C LYS B 93 11.23 9.58 -2.68
N GLY B 94 11.78 10.67 -2.13
CA GLY B 94 11.75 11.96 -2.81
C GLY B 94 12.66 12.03 -4.07
N PHE B 95 13.74 11.27 -4.05
CA PHE B 95 14.68 11.13 -5.11
C PHE B 95 14.16 10.40 -6.31
N THR B 96 13.03 9.73 -6.25
CA THR B 96 12.54 8.89 -7.34
C THR B 96 12.44 9.73 -8.64
N THR B 97 12.85 9.20 -9.76
CA THR B 97 12.85 9.95 -11.00
C THR B 97 11.78 9.34 -11.84
N LYS B 98 11.09 10.21 -12.57
CA LYS B 98 10.10 9.80 -13.54
C LYS B 98 10.78 9.30 -14.82
N GLY B 99 12.11 9.42 -14.92
CA GLY B 99 12.85 8.81 -16.06
C GLY B 99 13.00 7.29 -15.99
N VAL B 100 12.41 6.65 -14.94
CA VAL B 100 12.38 5.18 -14.85
C VAL B 100 10.98 4.72 -14.43
N THR B 101 10.69 3.45 -14.66
CA THR B 101 9.59 2.78 -13.94
C THR B 101 10.27 1.67 -13.14
N SER B 102 10.15 1.77 -11.85
CA SER B 102 10.77 0.88 -10.88
C SER B 102 9.69 0.27 -10.04
N VAL B 103 9.77 -1.04 -9.86
CA VAL B 103 8.77 -1.77 -9.06
C VAL B 103 9.55 -2.61 -8.08
N SER B 104 9.36 -2.34 -6.78
CA SER B 104 9.89 -3.10 -5.71
C SER B 104 8.77 -3.71 -4.92
N GLN B 105 8.99 -4.93 -4.40
CA GLN B 105 7.99 -5.55 -3.55
C GLN B 105 8.53 -6.71 -2.66
N ILE B 106 7.87 -6.88 -1.54
CA ILE B 106 8.10 -7.96 -0.61
C ILE B 106 6.92 -8.85 -0.73
N PHE B 107 7.16 -10.10 -1.05
CA PHE B 107 6.09 -11.14 -1.03
C PHE B 107 6.38 -12.11 0.11
N HIS B 108 5.32 -12.65 0.73
CA HIS B 108 5.49 -13.52 1.93
C HIS B 108 4.49 -14.67 1.97
N SER B 109 4.90 -15.79 2.54
CA SER B 109 3.95 -16.90 2.67
C SER B 109 2.78 -16.51 3.61
N PRO B 110 1.62 -17.13 3.39
CA PRO B 110 0.52 -17.02 4.38
C PRO B 110 0.89 -17.40 5.79
N ASP B 111 1.81 -18.32 6.00
CA ASP B 111 2.25 -18.63 7.34
C ASP B 111 3.26 -17.69 7.97
N LEU B 112 3.53 -16.55 7.31
CA LEU B 112 4.32 -15.50 7.87
C LEU B 112 3.46 -14.26 8.13
N ALA B 113 3.43 -13.84 9.39
CA ALA B 113 2.46 -12.81 9.81
C ALA B 113 3.22 -11.51 9.76
N ILE B 114 2.80 -10.54 8.96
CA ILE B 114 3.47 -9.24 8.85
C ILE B 114 2.88 -8.35 9.95
N ARG B 115 3.70 -7.66 10.72
CA ARG B 115 3.20 -6.76 11.74
C ARG B 115 2.44 -5.57 11.20
N ASP B 116 1.39 -5.19 11.95
CA ASP B 116 0.58 -4.06 11.54
C ASP B 116 1.37 -2.73 11.49
N THR B 117 2.34 -2.52 12.35
CA THR B 117 3.14 -1.29 12.37
C THR B 117 4.07 -1.23 11.14
N PHE B 118 4.42 -2.40 10.61
CA PHE B 118 5.18 -2.44 9.35
C PHE B 118 4.22 -2.13 8.23
N VAL B 119 3.00 -2.65 8.27
CA VAL B 119 2.11 -2.31 7.19
C VAL B 119 1.87 -0.74 7.10
N ASN B 120 1.60 -0.07 8.22
CA ASN B 120 1.20 1.36 8.20
C ASN B 120 2.41 2.28 7.79
N ALA B 121 3.59 1.96 8.33
CA ALA B 121 4.87 2.58 7.89
C ALA B 121 5.19 2.34 6.39
N SER B 122 5.01 1.11 5.95
CA SER B 122 5.24 0.75 4.56
C SER B 122 4.37 1.61 3.64
N ARG B 123 3.08 1.61 3.94
CA ARG B 123 2.08 2.40 3.21
C ARG B 123 2.39 3.86 3.17
N THR B 124 2.83 4.40 4.29
CA THR B 124 3.15 5.80 4.31
C THR B 124 4.39 6.17 3.47
N LEU B 125 5.42 5.35 3.58
CA LEU B 125 6.75 5.65 3.13
C LEU B 125 7.06 5.02 1.78
N TYR B 126 6.57 3.79 1.52
CA TYR B 126 6.83 3.07 0.26
C TYR B 126 5.59 2.87 -0.63
N SER B 127 4.46 3.50 -0.22
CA SER B 127 3.17 3.48 -0.99
C SER B 127 2.65 2.05 -1.35
N SER B 128 2.89 1.14 -0.41
CA SER B 128 2.59 -0.29 -0.59
C SER B 128 2.86 -1.07 0.72
N SER B 129 2.39 -2.30 0.77
CA SER B 129 2.66 -3.15 1.86
C SER B 129 3.03 -4.49 1.26
N PRO B 130 3.71 -5.33 2.04
CA PRO B 130 3.96 -6.68 1.61
C PRO B 130 2.71 -7.41 1.16
N ARG B 131 2.88 -8.21 0.13
CA ARG B 131 1.81 -8.94 -0.52
C ARG B 131 1.90 -10.41 -0.15
N VAL B 132 0.78 -10.99 0.23
CA VAL B 132 0.75 -12.31 0.67
C VAL B 132 0.67 -13.16 -0.58
N LEU B 133 1.35 -14.29 -0.52
CA LEU B 133 1.35 -15.31 -1.59
C LEU B 133 0.22 -16.33 -1.41
N SER B 134 -0.02 -17.13 -2.45
CA SER B 134 -1.01 -18.22 -2.45
C SER B 134 -0.54 -19.48 -1.73
N ASN B 135 -1.43 -20.47 -1.66
CA ASN B 135 -1.13 -21.84 -1.14
C ASN B 135 -0.13 -22.69 -1.97
N ASN B 136 -0.08 -22.53 -3.28
CA ASN B 136 0.73 -23.42 -4.13
C ASN B 136 1.68 -22.67 -5.03
N SER B 137 2.83 -23.27 -5.29
CA SER B 137 4.03 -22.56 -5.75
C SER B 137 4.07 -22.31 -7.25
N ASP B 138 3.33 -23.13 -7.99
CA ASP B 138 3.21 -22.88 -9.43
C ASP B 138 2.45 -21.58 -9.53
N ALA B 139 1.34 -21.56 -8.74
CA ALA B 139 0.48 -20.36 -8.66
C ALA B 139 1.30 -19.12 -8.33
N ASN B 140 2.24 -19.25 -7.39
CA ASN B 140 2.99 -18.13 -6.89
C ASN B 140 4.04 -17.54 -7.83
N LEU B 141 4.68 -18.38 -8.63
CA LEU B 141 5.61 -17.94 -9.61
C LEU B 141 4.91 -17.04 -10.63
N GLU B 142 3.78 -17.52 -11.12
CA GLU B 142 3.00 -16.81 -12.09
C GLU B 142 2.36 -15.55 -11.44
N LEU B 143 1.94 -15.66 -10.16
CA LEU B 143 1.47 -14.48 -9.37
C LEU B 143 2.54 -13.38 -9.43
N ILE B 144 3.78 -13.77 -9.09
CA ILE B 144 4.83 -12.82 -9.00
C ILE B 144 5.18 -12.27 -10.38
N ASN B 145 5.39 -13.12 -11.36
CA ASN B 145 5.85 -12.68 -12.67
C ASN B 145 4.80 -11.80 -13.38
N THR B 146 3.54 -12.18 -13.25
CA THR B 146 2.39 -11.39 -13.81
C THR B 146 2.32 -10.05 -13.09
N TRP B 147 2.45 -10.05 -11.77
CA TRP B 147 2.45 -8.78 -11.01
C TRP B 147 3.56 -7.82 -11.47
N VAL B 148 4.78 -8.32 -11.60
CA VAL B 148 5.90 -7.51 -12.11
C VAL B 148 5.68 -7.03 -13.60
N ALA B 149 5.25 -7.93 -14.50
CA ALA B 149 4.94 -7.58 -15.90
C ALA B 149 3.89 -6.46 -15.90
N LYS B 150 2.81 -6.70 -15.19
CA LYS B 150 1.78 -5.70 -15.12
C LYS B 150 2.40 -4.39 -14.58
N ASN B 151 3.20 -4.41 -13.52
CA ASN B 151 3.68 -3.13 -13.01
C ASN B 151 4.88 -2.52 -13.81
N THR B 152 5.41 -3.20 -14.81
CA THR B 152 6.53 -2.68 -15.57
C THR B 152 6.19 -2.54 -17.05
N ASN B 153 4.90 -2.45 -17.32
CA ASN B 153 4.35 -2.39 -18.70
C ASN B 153 5.01 -3.36 -19.69
N ASN B 154 5.13 -4.60 -19.19
CA ASN B 154 5.69 -5.77 -19.85
C ASN B 154 7.14 -5.66 -20.24
N LYS B 155 7.87 -4.68 -19.71
CA LYS B 155 9.29 -4.63 -19.98
C LYS B 155 10.00 -5.76 -19.24
N ILE B 156 9.54 -6.14 -18.02
CA ILE B 156 10.13 -7.25 -17.28
C ILE B 156 9.04 -8.29 -17.08
N SER B 157 9.06 -9.29 -17.91
CA SER B 157 7.93 -10.24 -17.95
C SER B 157 8.18 -11.54 -17.24
N ARG B 158 9.44 -11.84 -16.90
CA ARG B 158 9.81 -13.06 -16.23
C ARG B 158 10.92 -12.80 -15.25
N LEU B 159 10.61 -12.06 -14.20
CA LEU B 159 11.63 -11.73 -13.23
C LEU B 159 12.23 -12.99 -12.62
N LEU B 160 11.41 -14.00 -12.27
CA LEU B 160 11.87 -15.22 -11.60
C LEU B 160 11.73 -16.42 -12.50
N ASP B 161 12.79 -17.25 -12.48
CA ASP B 161 12.81 -18.52 -13.21
C ASP B 161 12.20 -19.59 -12.35
N SER B 162 12.46 -19.55 -11.07
CA SER B 162 11.86 -20.50 -10.16
C SER B 162 11.69 -19.84 -8.81
N LEU B 163 10.95 -20.52 -7.95
CA LEU B 163 10.88 -20.23 -6.54
C LEU B 163 11.07 -21.54 -5.77
N PRO B 164 11.89 -21.55 -4.71
CA PRO B 164 11.75 -22.72 -3.80
C PRO B 164 10.28 -22.96 -3.35
N SER B 165 9.90 -24.21 -3.10
CA SER B 165 8.50 -24.59 -2.78
C SER B 165 8.08 -24.12 -1.37
N ASP B 166 9.09 -24.08 -0.49
CA ASP B 166 8.98 -23.63 0.89
C ASP B 166 9.37 -22.15 1.00
N THR B 167 9.18 -21.39 -0.08
CA THR B 167 9.36 -19.92 -0.03
C THR B 167 8.54 -19.26 1.09
N ARG B 168 9.22 -18.51 1.94
CA ARG B 168 8.53 -17.70 2.92
C ARG B 168 8.62 -16.18 2.71
N LEU B 169 9.72 -15.71 2.12
CA LEU B 169 9.93 -14.28 1.97
C LEU B 169 10.78 -14.06 0.75
N VAL B 170 10.26 -13.20 -0.14
CA VAL B 170 10.82 -12.89 -1.38
C VAL B 170 10.91 -11.40 -1.49
N LEU B 171 12.11 -10.96 -1.78
CA LEU B 171 12.36 -9.55 -2.02
C LEU B 171 12.67 -9.30 -3.51
N LEU B 172 11.92 -8.41 -4.20
CA LEU B 172 12.04 -8.21 -5.65
C LEU B 172 12.17 -6.76 -6.01
N ASN B 173 13.00 -6.49 -7.03
CA ASN B 173 13.05 -5.21 -7.73
C ASN B 173 13.34 -5.35 -9.24
N ALA B 174 12.50 -4.69 -10.02
CA ALA B 174 12.53 -4.67 -11.44
C ALA B 174 12.38 -3.23 -11.90
N ILE B 175 13.26 -2.88 -12.83
CA ILE B 175 13.41 -1.42 -13.24
C ILE B 175 13.82 -1.31 -14.70
N TYR B 176 13.13 -0.43 -15.43
CA TYR B 176 13.65 0.03 -16.76
C TYR B 176 13.73 1.57 -16.92
N LEU B 177 14.65 1.95 -17.77
CA LEU B 177 14.84 3.32 -18.18
C LEU B 177 13.76 3.68 -19.22
N SER B 178 13.02 4.75 -18.96
CA SER B 178 12.19 5.39 -19.98
C SER B 178 12.69 6.77 -20.44
N ALA B 179 13.56 7.42 -19.68
CA ALA B 179 14.16 8.64 -20.11
C ALA B 179 14.90 8.37 -21.39
N LYS B 180 15.11 9.44 -22.15
CA LYS B 180 15.89 9.38 -23.41
C LYS B 180 16.73 10.64 -23.69
N TRP B 181 17.57 10.55 -24.71
CA TRP B 181 18.46 11.68 -25.06
C TRP B 181 17.71 12.99 -25.23
N LYS B 182 18.28 14.05 -24.68
CA LYS B 182 17.70 15.33 -24.85
C LYS B 182 17.75 15.70 -26.36
N THR B 183 18.89 15.45 -26.95
CA THR B 183 19.10 15.70 -28.37
C THR B 183 18.98 14.39 -29.09
N THR B 184 18.08 14.34 -30.04
CA THR B 184 17.88 13.19 -30.91
C THR B 184 19.06 12.92 -31.82
N PHE B 185 19.38 11.66 -31.99
CA PHE B 185 20.37 11.26 -32.98
C PHE B 185 19.56 11.04 -34.31
N ASP B 186 20.13 11.43 -35.40
CA ASP B 186 19.53 11.17 -36.73
C ASP B 186 19.73 9.69 -37.08
N PRO B 187 18.65 8.90 -37.14
CA PRO B 187 18.81 7.51 -37.50
C PRO B 187 19.43 7.19 -38.84
N LYS B 188 19.33 8.12 -39.80
CA LYS B 188 20.03 7.96 -41.06
C LYS B 188 21.54 8.03 -40.91
N LYS B 189 22.04 8.59 -39.83
CA LYS B 189 23.48 8.63 -39.54
C LYS B 189 24.00 7.39 -38.83
N THR B 190 23.10 6.49 -38.41
CA THR B 190 23.54 5.26 -37.76
C THR B 190 24.03 4.31 -38.79
N ARG B 191 25.27 3.83 -38.61
CA ARG B 191 25.89 2.93 -39.61
C ARG B 191 26.67 1.78 -38.94
N MET B 192 26.74 0.63 -39.59
CA MET B 192 27.65 -0.45 -39.18
C MET B 192 29.07 0.08 -39.26
N GLU B 193 29.73 0.28 -38.14
CA GLU B 193 31.07 0.91 -38.13
C GLU B 193 31.94 0.19 -37.10
N PRO B 194 33.24 0.51 -37.06
CA PRO B 194 34.14 -0.34 -36.29
C PRO B 194 34.03 -0.11 -34.76
N PHE B 195 34.22 -1.18 -34.01
CA PHE B 195 34.28 -1.14 -32.52
C PHE B 195 35.33 -2.17 -32.11
N HIS B 196 36.19 -1.80 -31.17
CA HIS B 196 37.36 -2.64 -30.75
C HIS B 196 37.05 -3.56 -29.65
N PHE B 197 36.86 -4.83 -29.96
CA PHE B 197 36.43 -5.82 -28.96
C PHE B 197 37.32 -7.04 -29.11
N LYS B 198 37.88 -7.55 -28.00
CA LYS B 198 39.05 -8.46 -27.99
C LYS B 198 40.22 -7.73 -28.65
N ASN B 199 41.06 -8.43 -29.39
CA ASN B 199 42.09 -7.74 -30.14
C ASN B 199 41.73 -7.60 -31.58
N SER B 200 40.43 -7.74 -31.88
CA SER B 200 39.91 -7.44 -33.20
C SER B 200 38.99 -6.22 -33.28
N VAL B 201 38.69 -5.82 -34.51
CA VAL B 201 37.67 -4.84 -34.87
C VAL B 201 36.41 -5.64 -35.19
N ILE B 202 35.24 -5.21 -34.71
CA ILE B 202 33.97 -5.78 -35.12
C ILE B 202 33.16 -4.61 -35.63
N LYS B 203 32.09 -4.91 -36.35
CA LYS B 203 31.22 -3.87 -36.86
C LYS B 203 29.95 -3.93 -36.09
N VAL B 204 29.53 -2.77 -35.58
CA VAL B 204 28.29 -2.61 -34.80
C VAL B 204 27.56 -1.38 -35.26
N PRO B 205 26.29 -1.29 -34.98
CA PRO B 205 25.63 -0.04 -35.30
C PRO B 205 26.09 1.09 -34.43
N MET B 206 26.63 2.13 -35.02
CA MET B 206 27.16 3.25 -34.31
C MET B 206 26.34 4.48 -34.62
N MET B 207 25.87 5.17 -33.57
CA MET B 207 25.17 6.42 -33.69
C MET B 207 26.22 7.48 -33.90
N ASN B 208 25.78 8.58 -34.51
CA ASN B 208 26.70 9.64 -34.95
C ASN B 208 26.07 11.00 -34.94
N SER B 209 26.85 12.00 -34.55
CA SER B 209 26.53 13.41 -34.78
C SER B 209 27.83 14.20 -34.88
N LYS B 210 27.82 15.26 -35.68
CA LYS B 210 28.99 16.14 -35.85
C LYS B 210 29.03 17.19 -34.77
N LYS B 211 27.93 17.47 -34.10
CA LYS B 211 27.97 18.59 -33.17
C LYS B 211 27.07 18.38 -31.99
N TYR B 212 27.30 17.23 -31.36
CA TYR B 212 26.42 16.78 -30.30
C TYR B 212 26.86 17.47 -29.00
N PRO B 213 25.93 17.99 -28.20
CA PRO B 213 26.37 18.62 -26.96
C PRO B 213 26.88 17.54 -25.99
N VAL B 214 28.19 17.57 -25.74
CA VAL B 214 28.86 16.67 -24.86
C VAL B 214 29.73 17.54 -23.95
N ALA B 215 29.65 17.22 -22.68
CA ALA B 215 30.60 17.77 -21.68
C ALA B 215 31.61 16.68 -21.47
N HIS B 216 32.88 16.99 -21.66
CA HIS B 216 33.87 16.00 -21.57
C HIS B 216 35.22 16.52 -21.25
N PHE B 217 36.02 15.64 -20.65
CA PHE B 217 37.43 15.90 -20.35
C PHE B 217 38.16 14.56 -20.29
N ILE B 218 39.45 14.62 -19.96
CA ILE B 218 40.28 13.48 -19.76
C ILE B 218 40.63 13.38 -18.29
N ASP B 219 40.47 12.22 -17.64
CA ASP B 219 40.88 12.09 -16.24
C ASP B 219 42.21 11.35 -16.18
N GLN B 220 43.24 11.98 -15.55
CA GLN B 220 44.62 11.43 -15.48
C GLN B 220 44.72 10.32 -14.41
N THR B 221 43.89 10.30 -13.39
CA THR B 221 43.98 9.13 -12.44
C THR B 221 43.46 7.88 -13.12
N LEU B 222 42.32 7.98 -13.78
CA LEU B 222 41.76 6.85 -14.50
C LEU B 222 42.41 6.51 -15.78
N LYS B 223 43.17 7.45 -16.35
CA LYS B 223 43.64 7.25 -17.70
C LYS B 223 42.39 7.01 -18.56
N ALA B 224 41.47 7.95 -18.53
CA ALA B 224 40.21 7.76 -19.24
C ALA B 224 39.60 9.00 -19.72
N LYS B 225 38.88 8.86 -20.81
CA LYS B 225 38.09 9.98 -21.33
C LYS B 225 36.70 9.84 -20.74
N VAL B 226 36.22 10.98 -20.23
CA VAL B 226 34.97 11.09 -19.51
C VAL B 226 34.01 11.97 -20.25
N GLY B 227 32.87 11.43 -20.68
CA GLY B 227 31.89 12.23 -21.41
C GLY B 227 30.51 12.13 -20.86
N GLN B 228 29.86 13.27 -20.74
CA GLN B 228 28.52 13.35 -20.24
C GLN B 228 27.54 13.82 -21.37
N LEU B 229 26.50 13.01 -21.59
CA LEU B 229 25.41 13.34 -22.48
C LEU B 229 24.09 13.54 -21.72
N GLN B 230 23.28 14.49 -22.16
CA GLN B 230 22.18 14.95 -21.41
C GLN B 230 21.02 14.07 -21.80
N LEU B 231 20.26 13.62 -20.81
CA LEU B 231 19.01 12.95 -21.07
C LEU B 231 17.88 13.90 -20.67
N SER B 232 16.67 13.47 -20.95
CA SER B 232 15.46 14.00 -20.28
C SER B 232 15.47 13.76 -18.75
N HIS B 233 14.54 14.42 -18.08
CA HIS B 233 14.27 14.22 -16.67
C HIS B 233 15.42 14.55 -15.76
N ASN B 234 16.25 15.48 -16.15
CA ASN B 234 17.37 15.89 -15.33
C ASN B 234 18.32 14.72 -14.94
N LEU B 235 18.55 13.84 -15.91
CA LEU B 235 19.47 12.71 -15.87
C LEU B 235 20.52 12.90 -16.95
N SER B 236 21.70 12.38 -16.73
CA SER B 236 22.68 12.35 -17.79
C SER B 236 23.28 10.99 -17.85
N LEU B 237 23.96 10.71 -18.96
CA LEU B 237 24.72 9.49 -19.14
C LEU B 237 26.14 9.88 -19.14
N VAL B 238 26.93 9.33 -18.22
CA VAL B 238 28.32 9.60 -18.10
C VAL B 238 29.03 8.39 -18.63
N ILE B 239 29.95 8.60 -19.58
CA ILE B 239 30.65 7.51 -20.21
C ILE B 239 32.13 7.62 -19.91
N LEU B 240 32.73 6.52 -19.41
CA LEU B 240 34.12 6.45 -19.07
C LEU B 240 34.80 5.40 -19.94
N VAL B 241 35.76 5.83 -20.77
CA VAL B 241 36.40 4.92 -21.70
C VAL B 241 37.89 5.10 -21.50
N PRO B 242 38.62 4.02 -21.38
CA PRO B 242 40.08 4.12 -21.30
C PRO B 242 40.62 4.89 -22.52
N GLN B 243 41.62 5.74 -22.30
CA GLN B 243 42.17 6.61 -23.37
C GLN B 243 42.53 5.85 -24.65
N ASN B 244 43.44 4.88 -24.57
CA ASN B 244 43.85 4.00 -25.72
C ASN B 244 43.23 2.57 -25.71
N LEU B 245 43.29 1.86 -26.86
CA LEU B 245 42.95 0.42 -26.93
C LEU B 245 43.96 -0.45 -26.13
N LYS B 246 45.14 0.10 -25.84
CA LYS B 246 46.12 -0.57 -24.97
C LYS B 246 45.61 -0.84 -23.54
N HIS B 247 44.82 0.10 -23.01
CA HIS B 247 44.32 0.03 -21.64
C HIS B 247 43.08 -0.86 -21.61
N ARG B 248 43.02 -1.62 -20.52
CA ARG B 248 41.99 -2.61 -20.31
C ARG B 248 40.95 -1.93 -19.43
N LEU B 249 39.71 -2.16 -19.78
CA LEU B 249 38.62 -1.72 -18.93
C LEU B 249 38.79 -2.22 -17.48
N GLU B 250 39.15 -3.48 -17.32
CA GLU B 250 39.41 -4.05 -16.00
C GLU B 250 40.30 -3.18 -15.08
N ASP B 251 41.32 -2.56 -15.62
CA ASP B 251 42.21 -1.73 -14.81
C ASP B 251 41.55 -0.41 -14.39
N MET B 252 40.76 0.16 -15.30
CA MET B 252 40.03 1.38 -15.01
C MET B 252 38.98 1.05 -13.94
N GLU B 253 38.35 -0.11 -14.01
CA GLU B 253 37.38 -0.51 -12.97
C GLU B 253 37.99 -0.44 -11.59
N GLN B 254 39.18 -1.04 -11.45
CA GLN B 254 39.95 -1.07 -10.17
C GLN B 254 40.28 0.31 -9.66
N ALA B 255 40.54 1.25 -10.58
CA ALA B 255 41.02 2.57 -10.22
C ALA B 255 39.89 3.48 -9.86
N LEU B 256 38.63 3.00 -10.03
CA LEU B 256 37.45 3.86 -9.82
C LEU B 256 36.99 3.80 -8.37
N SER B 257 37.72 4.48 -7.49
CA SER B 257 37.41 4.60 -6.03
C SER B 257 36.28 5.62 -5.87
N PRO B 258 35.71 5.69 -4.66
CA PRO B 258 34.65 6.68 -4.47
C PRO B 258 35.13 8.13 -4.61
N SER B 259 36.34 8.40 -4.10
CA SER B 259 36.92 9.77 -4.19
C SER B 259 37.14 10.10 -5.65
N VAL B 260 37.75 9.19 -6.40
CA VAL B 260 37.98 9.40 -7.85
C VAL B 260 36.68 9.70 -8.57
N PHE B 261 35.71 8.82 -8.33
CA PHE B 261 34.34 8.95 -8.85
C PHE B 261 33.70 10.30 -8.58
N LYS B 262 33.75 10.67 -7.32
CA LYS B 262 33.12 11.89 -6.83
C LYS B 262 33.72 13.10 -7.48
N ALA B 263 35.05 13.15 -7.45
CA ALA B 263 35.82 14.23 -8.13
C ALA B 263 35.50 14.26 -9.67
N ILE B 264 35.29 13.10 -10.29
CA ILE B 264 34.85 13.13 -11.69
C ILE B 264 33.49 13.85 -11.80
N MET B 265 32.58 13.48 -10.91
CA MET B 265 31.26 14.12 -10.94
C MET B 265 31.28 15.65 -10.68
N GLU B 266 32.15 16.08 -9.78
CA GLU B 266 32.26 17.48 -9.45
C GLU B 266 32.81 18.23 -10.67
N LYS B 267 33.83 17.66 -11.30
CA LYS B 267 34.34 18.30 -12.46
C LYS B 267 33.26 18.44 -13.57
N LEU B 268 32.43 17.42 -13.78
CA LEU B 268 31.37 17.49 -14.78
C LEU B 268 30.28 18.54 -14.53
N GLU B 269 29.82 18.62 -13.28
CA GLU B 269 28.90 19.68 -12.93
C GLU B 269 29.44 21.07 -13.32
N MET B 270 30.77 21.26 -13.34
CA MET B 270 31.44 22.49 -13.83
C MET B 270 31.70 22.52 -15.33
N SER B 271 31.62 21.38 -15.99
CA SER B 271 32.01 21.29 -17.40
C SER B 271 30.80 21.65 -18.22
N LYS B 272 31.02 22.53 -19.19
CA LYS B 272 30.00 22.93 -20.13
C LYS B 272 29.87 21.90 -21.27
N PHE B 273 28.63 21.71 -21.68
CA PHE B 273 28.25 20.93 -22.83
C PHE B 273 28.63 21.78 -24.08
N GLN B 274 29.32 21.14 -25.00
CA GLN B 274 29.94 21.80 -26.14
C GLN B 274 29.75 20.96 -27.38
N PRO B 275 29.66 21.61 -28.56
CA PRO B 275 29.56 20.92 -29.85
C PRO B 275 30.72 20.02 -30.12
N THR B 276 30.36 18.75 -30.34
CA THR B 276 31.30 17.68 -30.31
C THR B 276 31.00 16.70 -31.40
N LEU B 277 32.06 16.27 -32.06
CA LEU B 277 32.00 15.12 -32.96
C LEU B 277 31.90 13.80 -32.16
N LEU B 278 30.78 13.13 -32.25
CA LEU B 278 30.42 12.07 -31.29
C LEU B 278 30.07 10.81 -32.08
N THR B 279 30.60 9.67 -31.59
CA THR B 279 30.09 8.36 -32.00
C THR B 279 30.02 7.41 -30.79
N LEU B 280 28.99 6.61 -30.81
CA LEU B 280 28.86 5.59 -29.90
C LEU B 280 27.86 4.61 -30.36
N PRO B 281 27.97 3.39 -29.81
CA PRO B 281 26.95 2.40 -30.09
C PRO B 281 25.63 2.72 -29.45
N ARG B 282 24.60 2.07 -29.93
CA ARG B 282 23.35 2.07 -29.28
C ARG B 282 23.54 1.20 -28.03
N ILE B 283 22.98 1.66 -26.91
CA ILE B 283 23.19 1.04 -25.62
C ILE B 283 21.91 0.25 -25.26
N LYS B 284 22.06 -1.05 -25.23
CA LYS B 284 20.97 -2.00 -24.96
C LYS B 284 21.52 -3.04 -24.01
N VAL B 285 21.18 -2.98 -22.74
CA VAL B 285 21.65 -3.94 -21.76
C VAL B 285 20.45 -4.36 -20.81
N THR B 286 20.24 -5.67 -20.70
CA THR B 286 19.40 -6.29 -19.68
C THR B 286 20.24 -7.18 -18.78
N THR B 287 20.15 -6.95 -17.49
CA THR B 287 20.83 -7.79 -16.50
C THR B 287 19.83 -8.24 -15.42
N SER B 288 19.83 -9.56 -15.15
CA SER B 288 19.10 -10.26 -14.08
C SER B 288 20.08 -10.81 -13.11
N GLN B 289 19.89 -10.53 -11.84
CA GLN B 289 20.85 -10.96 -10.87
C GLN B 289 20.14 -11.45 -9.60
N ASP B 290 20.62 -12.61 -9.18
CA ASP B 290 20.42 -13.15 -7.89
C ASP B 290 21.10 -12.26 -6.87
N MET B 291 20.29 -11.45 -6.20
CA MET B 291 20.89 -10.46 -5.35
C MET B 291 21.40 -11.07 -4.04
N LEU B 292 20.98 -12.27 -3.69
CA LEU B 292 21.53 -12.85 -2.46
C LEU B 292 23.03 -13.15 -2.62
N SER B 293 23.43 -13.56 -3.83
CA SER B 293 24.84 -13.82 -4.08
C SER B 293 25.64 -12.51 -4.00
N ILE B 294 25.04 -11.40 -4.47
CA ILE B 294 25.69 -10.09 -4.39
C ILE B 294 25.83 -9.79 -2.86
N MET B 295 24.75 -9.88 -2.12
CA MET B 295 24.79 -9.56 -0.65
C MET B 295 25.81 -10.39 0.23
N GLU B 296 25.85 -11.67 -0.06
CA GLU B 296 27.02 -12.54 0.34
C GLU B 296 28.42 -12.12 -0.19
N LYS B 297 28.52 -11.76 -1.46
CA LYS B 297 29.80 -11.20 -2.00
C LYS B 297 30.14 -9.89 -1.26
N LEU B 298 29.10 -9.13 -0.79
CA LEU B 298 29.35 -7.92 0.03
C LEU B 298 29.58 -8.21 1.49
N GLU B 299 29.69 -9.49 1.81
CA GLU B 299 29.85 -10.00 3.18
C GLU B 299 28.66 -9.64 4.05
N PHE B 300 27.50 -9.65 3.45
CA PHE B 300 26.24 -9.52 4.20
C PHE B 300 25.55 -10.86 4.13
N PHE B 301 25.50 -11.50 5.27
CA PHE B 301 25.01 -12.92 5.35
C PHE B 301 23.67 -13.02 6.07
N ASP B 302 23.19 -11.95 6.67
CA ASP B 302 21.96 -12.00 7.45
C ASP B 302 20.75 -12.57 6.74
N PHE B 303 20.63 -12.38 5.44
CA PHE B 303 19.43 -12.90 4.76
C PHE B 303 19.26 -14.42 4.81
N SER B 304 20.36 -15.12 5.06
CA SER B 304 20.34 -16.57 5.23
C SER B 304 20.48 -17.03 6.67
N TYR B 305 21.26 -16.33 7.49
CA TYR B 305 21.40 -16.76 8.88
C TYR B 305 21.47 -15.61 9.83
N ASP B 306 20.81 -15.81 10.96
CA ASP B 306 20.77 -14.85 12.04
C ASP B 306 20.01 -13.56 11.61
N LEU B 307 18.94 -13.71 10.83
CA LEU B 307 18.16 -12.57 10.37
C LEU B 307 17.34 -11.93 11.48
N ASN B 308 17.45 -10.62 11.67
CA ASN B 308 16.49 -9.92 12.50
C ASN B 308 15.74 -8.82 11.72
N LEU B 309 14.59 -9.24 11.22
CA LEU B 309 13.53 -8.37 10.78
C LEU B 309 12.33 -8.34 11.76
N CYS B 310 12.62 -7.99 13.00
CA CYS B 310 11.58 -7.96 14.14
C CYS B 310 10.52 -6.91 13.85
N GLY B 311 10.91 -5.84 13.11
CA GLY B 311 9.98 -4.79 12.75
C GLY B 311 8.96 -5.26 11.74
N LEU B 312 9.33 -6.22 10.92
CA LEU B 312 8.53 -6.69 9.81
C LEU B 312 7.63 -7.74 10.29
N THR B 313 8.16 -8.62 11.14
CA THR B 313 7.41 -9.78 11.64
C THR B 313 8.00 -10.25 12.95
N GLU B 314 7.19 -10.95 13.76
CA GLU B 314 7.63 -11.55 15.03
C GLU B 314 8.11 -12.95 14.84
N ASP B 315 7.95 -13.48 13.65
CA ASP B 315 8.27 -14.84 13.36
C ASP B 315 9.72 -15.16 13.72
N PRO B 316 9.94 -16.23 14.55
CA PRO B 316 11.27 -16.53 15.08
C PRO B 316 12.24 -17.23 14.09
N ASP B 317 11.77 -17.88 13.02
CA ASP B 317 12.72 -18.64 12.17
C ASP B 317 12.70 -18.17 10.69
N LEU B 318 13.26 -16.98 10.49
CA LEU B 318 13.06 -16.22 9.27
C LEU B 318 14.35 -16.22 8.43
N GLN B 319 14.21 -16.55 7.16
CA GLN B 319 15.21 -16.25 6.15
C GLN B 319 14.56 -15.68 4.91
N VAL B 320 15.35 -14.95 4.13
CA VAL B 320 14.88 -14.57 2.80
C VAL B 320 15.08 -15.72 1.88
N SER B 321 14.03 -16.19 1.26
CA SER B 321 14.16 -17.30 0.27
C SER B 321 14.81 -16.86 -1.01
N ALA B 322 14.50 -15.64 -1.50
CA ALA B 322 15.06 -15.17 -2.77
C ALA B 322 15.03 -13.64 -2.86
N MET B 323 16.05 -13.09 -3.51
CA MET B 323 16.14 -11.69 -3.76
C MET B 323 16.65 -11.55 -5.20
N GLN B 324 15.85 -10.91 -6.02
CA GLN B 324 16.12 -10.83 -7.44
C GLN B 324 15.98 -9.41 -7.88
N HIS B 325 16.92 -9.01 -8.76
CA HIS B 325 16.95 -7.68 -9.39
C HIS B 325 17.07 -7.86 -10.92
N GLN B 326 16.33 -7.03 -11.66
CA GLN B 326 16.52 -6.93 -13.09
C GLN B 326 16.44 -5.49 -13.59
N THR B 327 17.44 -5.10 -14.39
CA THR B 327 17.49 -3.79 -15.04
C THR B 327 17.32 -4.05 -16.53
N VAL B 328 16.47 -3.24 -17.15
CA VAL B 328 16.43 -3.13 -18.60
C VAL B 328 16.76 -1.69 -18.93
N LEU B 329 17.83 -1.51 -19.70
CA LEU B 329 18.28 -0.15 -20.02
C LEU B 329 18.50 -0.06 -21.52
N GLU B 330 17.78 0.82 -22.20
CA GLU B 330 17.97 0.97 -23.63
C GLU B 330 17.98 2.44 -24.05
N LEU B 331 19.01 2.81 -24.83
CA LEU B 331 19.15 4.12 -25.39
C LEU B 331 19.53 4.01 -26.88
N THR B 332 18.56 4.31 -27.72
CA THR B 332 18.74 4.29 -29.19
C THR B 332 18.77 5.72 -29.70
N GLU B 333 18.42 5.97 -30.95
CA GLU B 333 18.59 7.30 -31.51
C GLU B 333 17.61 8.34 -30.96
N THR B 334 16.45 7.86 -30.60
CA THR B 334 15.36 8.71 -30.27
C THR B 334 15.67 9.69 -29.08
N GLY B 335 15.24 10.91 -29.24
CA GLY B 335 15.53 11.99 -28.29
C GLY B 335 14.35 12.94 -28.11
N VAL B 336 14.46 13.93 -27.23
CA VAL B 336 13.36 14.88 -26.96
C VAL B 336 13.25 15.94 -28.08
N GLU B 337 14.40 16.48 -28.50
CA GLU B 337 14.38 17.53 -29.52
C GLU B 337 15.46 17.39 -30.59
N ALA B 338 15.19 18.03 -31.73
CA ALA B 338 16.08 17.99 -32.85
C ALA B 338 17.44 18.69 -32.55
N ALA B 339 18.49 18.15 -33.16
CA ALA B 339 19.77 18.84 -33.20
C ALA B 339 19.58 20.25 -33.86
N ALA B 340 20.29 21.27 -33.34
CA ALA B 340 20.30 22.61 -33.96
C ALA B 340 21.08 22.58 -35.27
N ALA B 341 20.89 23.62 -36.11
CA ALA B 341 21.77 24.05 -37.24
C ALA B 341 21.95 23.13 -38.48
N SER B 342 22.64 23.70 -39.49
CA SER B 342 22.99 23.05 -40.79
C SER B 342 24.48 22.59 -40.92
N ALA B 343 25.30 22.79 -39.89
CA ALA B 343 26.74 22.49 -39.91
C ALA B 343 27.53 23.37 -40.92
N ILE B 344 27.76 24.62 -40.51
CA ILE B 344 28.51 25.64 -41.29
C ILE B 344 30.04 25.52 -41.10
N SER B 345 30.50 25.33 -39.86
CA SER B 345 31.96 25.34 -39.51
C SER B 345 32.50 26.78 -39.52
N VAL B 346 33.45 27.07 -38.63
CA VAL B 346 33.98 28.43 -38.42
C VAL B 346 35.17 28.44 -37.46
N ALA B 347 35.11 27.59 -36.45
CA ALA B 347 36.27 27.36 -35.60
C ALA B 347 37.45 26.71 -36.38
N ARG B 348 38.66 27.04 -36.03
CA ARG B 348 39.83 26.21 -36.43
C ARG B 348 39.95 24.78 -35.70
N THR B 349 39.30 24.65 -34.53
CA THR B 349 39.36 23.44 -33.70
C THR B 349 37.95 22.94 -33.48
N LEU B 350 37.85 21.66 -33.25
CA LEU B 350 36.63 21.04 -32.95
C LEU B 350 36.82 19.90 -31.93
N LEU B 351 35.86 19.76 -31.04
CA LEU B 351 35.96 18.76 -29.98
C LEU B 351 35.51 17.41 -30.53
N VAL B 352 36.14 16.35 -30.01
CA VAL B 352 35.77 14.99 -30.37
C VAL B 352 35.54 14.05 -29.11
N PHE B 353 34.57 13.15 -29.17
CA PHE B 353 34.39 12.10 -28.12
C PHE B 353 33.83 10.84 -28.76
N GLU B 354 34.70 9.87 -28.99
CA GLU B 354 34.30 8.72 -29.77
C GLU B 354 34.40 7.51 -28.85
N VAL B 355 33.36 6.70 -28.84
CA VAL B 355 33.24 5.55 -28.00
C VAL B 355 33.35 4.34 -28.88
N GLN B 356 34.55 3.78 -29.02
CA GLN B 356 34.78 2.70 -29.98
C GLN B 356 35.44 1.48 -29.38
N GLN B 357 35.36 1.39 -28.06
CA GLN B 357 35.90 0.24 -27.29
C GLN B 357 35.08 0.07 -26.02
N PRO B 358 35.31 -1.01 -25.31
CA PRO B 358 34.51 -1.20 -24.10
C PRO B 358 34.56 -0.06 -23.11
N PHE B 359 33.41 0.19 -22.46
CA PHE B 359 33.28 1.34 -21.62
C PHE B 359 32.35 1.07 -20.41
N LEU B 360 32.55 1.88 -19.41
CA LEU B 360 31.75 1.94 -18.22
C LEU B 360 30.78 3.09 -18.36
N PHE B 361 29.55 2.96 -17.88
CA PHE B 361 28.62 4.05 -17.79
C PHE B 361 27.96 4.25 -16.46
N VAL B 362 27.63 5.51 -16.19
CA VAL B 362 26.83 5.87 -15.00
C VAL B 362 25.69 6.69 -15.54
N LEU B 363 24.47 6.26 -15.25
CA LEU B 363 23.29 7.09 -15.52
C LEU B 363 22.97 7.82 -14.24
N TRP B 364 23.14 9.16 -14.28
CA TRP B 364 23.35 10.03 -13.13
C TRP B 364 22.17 10.94 -12.92
N ASP B 365 21.71 11.06 -11.67
CA ASP B 365 20.65 11.99 -11.35
C ASP B 365 21.31 13.31 -11.06
N GLN B 366 21.05 14.30 -11.91
CA GLN B 366 21.74 15.58 -11.80
C GLN B 366 21.27 16.42 -10.63
N GLN B 367 19.98 16.34 -10.29
CA GLN B 367 19.55 17.11 -9.16
C GLN B 367 20.00 16.58 -7.81
N HIS B 368 19.96 15.27 -7.60
CA HIS B 368 20.17 14.73 -6.28
C HIS B 368 21.55 14.08 -6.18
N LYS B 369 22.27 14.07 -7.30
CA LYS B 369 23.68 13.71 -7.37
C LYS B 369 23.94 12.25 -7.00
N PHE B 370 23.28 11.33 -7.72
CA PHE B 370 23.54 9.88 -7.48
C PHE B 370 23.34 9.05 -8.70
N PRO B 371 23.87 7.81 -8.66
CA PRO B 371 23.67 6.93 -9.78
C PRO B 371 22.40 6.16 -9.79
N VAL B 372 21.61 6.46 -10.78
CA VAL B 372 20.36 5.77 -11.00
C VAL B 372 20.69 4.37 -11.51
N PHE B 373 21.60 4.33 -12.47
CA PHE B 373 22.09 3.07 -13.05
C PHE B 373 23.57 3.16 -13.20
N MET B 374 24.19 2.01 -13.28
CA MET B 374 25.57 1.92 -13.57
C MET B 374 25.76 0.67 -14.37
N GLY B 375 26.85 0.62 -15.14
CA GLY B 375 27.18 -0.63 -15.79
C GLY B 375 28.29 -0.48 -16.85
N ARG B 376 28.35 -1.40 -17.79
CA ARG B 376 29.46 -1.41 -18.76
C ARG B 376 29.00 -2.12 -19.99
N VAL B 377 29.62 -1.75 -21.13
CA VAL B 377 29.33 -2.42 -22.38
C VAL B 377 30.68 -2.86 -22.99
N TYR B 378 30.81 -4.17 -23.22
CA TYR B 378 31.94 -4.77 -23.89
C TYR B 378 31.59 -5.06 -25.31
N ASP B 379 30.41 -5.56 -25.56
CA ASP B 379 30.07 -6.07 -26.88
C ASP B 379 28.68 -5.54 -27.16
N PRO B 380 28.60 -4.49 -27.97
CA PRO B 380 27.30 -3.87 -28.24
C PRO B 380 26.30 -4.76 -28.98
N ARG B 381 26.70 -5.92 -29.50
CA ARG B 381 25.75 -6.81 -30.23
C ARG B 381 24.89 -7.72 -29.32
#